data_4TXT
#
_entry.id   4TXT
#
_cell.length_a   116.348
_cell.length_b   57.348
_cell.length_c   105.598
_cell.angle_alpha   90.00
_cell.angle_beta   103.36
_cell.angle_gamma   90.00
#
_symmetry.space_group_name_H-M   'C 1 2 1'
#
loop_
_entity.id
_entity.type
_entity.pdbx_description
1 polymer 'Glycoside hydrolase family 48'
2 branched beta-D-glucopyranose-(1-4)-beta-D-glucopyranose-(1-4)-beta-D-glucopyranose
3 non-polymer 1,2-ETHANEDIOL
4 non-polymer 2-[BIS-(2-HYDROXY-ETHYL)-AMINO]-2-HYDROXYMETHYL-PROPANE-1,3-DIOL
5 water water
#
_entity_poly.entity_id   1
_entity_poly.type   'polypeptide(L)'
_entity_poly.pdbx_seq_one_letter_code
;PTPSSTPSVLGEYGQRFMWLWNKIHDPANGYFNQDGIPYHSVETLICEAPDYGHLTTSEAFSYYVWLEAVYGKLTGDWSK
FKTAWDTLEKYMIPSAEDQPMRSYDPNKPATYAGEWETPDKYPSPLEFNVPVGKDPLHNELVSTYGSTLMYGMHWLMDVD
NWYGYGKRGDGVSRASFINTFQRGPEESVWETVPHPSWEEFKWGGPNGFLDLFIKDQNYSKQWRYTDAPDADARAIQATY
WAKVWAKEQGKFNEISSYVAKAAKMGDYLRYAMFDKYFKPLGCQDKNAAGGTGYDSAHYLLSWYYAWGGALDGAWSWKIG
SSHVHFGYQNPMAAWALANDSDMKPKSPNGASDWAKSLKRQIEFYRWLQSAEGAIAGGATNSWNGRYEKYPAGTATFYGM
AYEPNPVYHDPGSNTWFGFQAWSMQRVAEYYYVTGDKDAGALLEKWVSWVKSVVKLNSDGTFAIPSTLDWSGQPDTWNGA
YTGNSNLHVKVVDYGTDLGITASLANALLYYSAGTKKYGVFDEGAKNLAKELLDRMWKLYRDEKGLSAPEKRADYKRFFE
QEVYIPAGWIGKMPNGDVIKSGVKFIDIRSKYKQDPDWPKLEAAYKSGQAPEFRYHRFWAQCDIAIANATYEILFGNQSS
SVDKLAAALEHHHHHH
;
_entity_poly.pdbx_strand_id   A
#
loop_
_chem_comp.id
_chem_comp.type
_chem_comp.name
_chem_comp.formula
BGC D-saccharide, beta linking beta-D-glucopyranose 'C6 H12 O6'
BTB non-polymer 2-[BIS-(2-HYDROXY-ETHYL)-AMINO]-2-HYDROXYMETHYL-PROPANE-1,3-DIOL 'C8 H19 N O5'
EDO non-polymer 1,2-ETHANEDIOL 'C2 H6 O2'
#
# COMPACT_ATOMS: atom_id res chain seq x y z
N LEU A 10 -5.46 33.02 5.02
CA LEU A 10 -4.81 31.88 4.31
C LEU A 10 -3.58 32.36 3.54
N GLY A 11 -2.42 31.80 3.89
CA GLY A 11 -1.15 32.23 3.30
C GLY A 11 -0.89 31.62 1.94
N GLU A 12 0.28 31.89 1.38
CA GLU A 12 0.65 31.44 0.05
C GLU A 12 0.53 29.91 -0.10
N TYR A 13 0.92 29.19 0.95
CA TYR A 13 1.00 27.74 0.89
C TYR A 13 -0.35 27.08 1.05
N GLY A 14 -1.19 27.66 1.90
CA GLY A 14 -2.57 27.20 2.05
C GLY A 14 -3.36 27.49 0.80
N GLN A 15 -3.01 28.57 0.11
CA GLN A 15 -3.62 28.94 -1.16
C GLN A 15 -3.19 27.97 -2.25
N ARG A 16 -1.93 27.56 -2.22
CA ARG A 16 -1.42 26.49 -3.08
C ARG A 16 -2.24 25.23 -2.94
N PHE A 17 -2.55 24.81 -1.71
CA PHE A 17 -3.41 23.65 -1.47
C PHE A 17 -4.78 23.82 -2.12
N MET A 18 -5.38 25.01 -1.93
CA MET A 18 -6.73 25.28 -2.42
C MET A 18 -6.81 25.18 -3.94
N TRP A 19 -5.85 25.78 -4.63
CA TRP A 19 -5.78 25.75 -6.09
C TRP A 19 -5.74 24.33 -6.62
N LEU A 20 -4.82 23.52 -6.10
CA LEU A 20 -4.72 22.12 -6.49
C LEU A 20 -5.96 21.35 -6.07
N TRP A 21 -6.44 21.63 -4.86
CA TRP A 21 -7.71 21.05 -4.43
C TRP A 21 -8.82 21.34 -5.42
N ASN A 22 -8.91 22.59 -5.86
CA ASN A 22 -9.89 22.97 -6.86
C ASN A 22 -9.72 22.18 -8.16
N LYS A 23 -8.50 22.09 -8.69
CA LYS A 23 -8.22 21.23 -9.85
C LYS A 23 -8.71 19.79 -9.61
N ILE A 24 -8.28 19.22 -8.50
CA ILE A 24 -8.67 17.85 -8.14
C ILE A 24 -10.17 17.65 -8.12
N HIS A 25 -10.89 18.62 -7.57
CA HIS A 25 -12.34 18.48 -7.40
C HIS A 25 -13.14 19.03 -8.56
N ASP A 26 -12.49 19.70 -9.50
CA ASP A 26 -13.17 20.18 -10.70
C ASP A 26 -13.66 19.00 -11.57
N PRO A 27 -14.99 18.77 -11.62
CA PRO A 27 -15.61 17.61 -12.29
C PRO A 27 -15.12 17.37 -13.71
N ALA A 28 -14.77 18.45 -14.40
CA ALA A 28 -14.32 18.40 -15.78
C ALA A 28 -12.92 17.81 -15.93
N ASN A 29 -12.14 17.84 -14.84
CA ASN A 29 -10.77 17.32 -14.87
C ASN A 29 -10.69 15.81 -14.84
N GLY A 30 -11.74 15.18 -14.32
CA GLY A 30 -11.92 13.75 -14.34
C GLY A 30 -11.01 12.98 -13.40
N TYR A 31 -10.79 13.49 -12.19
CA TYR A 31 -10.10 12.72 -11.15
C TYR A 31 -11.01 11.65 -10.54
N PHE A 32 -12.32 11.86 -10.64
CA PHE A 32 -13.30 10.97 -10.01
C PHE A 32 -14.27 10.41 -11.05
N ASN A 33 -14.79 9.21 -10.79
CA ASN A 33 -15.85 8.70 -11.64
C ASN A 33 -17.20 9.31 -11.23
N GLN A 34 -18.24 8.92 -11.96
CA GLN A 34 -19.59 9.48 -11.80
C GLN A 34 -20.17 9.28 -10.39
N ASP A 35 -19.58 8.37 -9.63
CA ASP A 35 -20.03 8.09 -8.26
C ASP A 35 -19.16 8.80 -7.23
N GLY A 36 -18.17 9.55 -7.68
CA GLY A 36 -17.25 10.26 -6.77
C GLY A 36 -16.12 9.36 -6.25
N ILE A 37 -15.88 8.24 -6.91
CA ILE A 37 -14.75 7.38 -6.58
C ILE A 37 -13.51 7.91 -7.31
N PRO A 38 -12.40 8.13 -6.59
CA PRO A 38 -11.21 8.61 -7.30
C PRO A 38 -10.56 7.51 -8.12
N TYR A 39 -10.01 7.87 -9.29
CA TYR A 39 -9.30 6.88 -10.11
C TYR A 39 -7.87 6.90 -9.66
N HIS A 40 -7.09 5.90 -10.07
CA HIS A 40 -5.64 5.95 -9.89
C HIS A 40 -5.01 7.20 -10.49
N SER A 41 -5.43 7.56 -11.71
CA SER A 41 -4.88 8.73 -12.41
C SER A 41 -5.91 9.25 -13.39
N VAL A 42 -5.79 10.53 -13.78
CA VAL A 42 -6.67 11.14 -14.79
C VAL A 42 -6.53 10.33 -16.08
N GLU A 43 -5.30 10.07 -16.48
CA GLU A 43 -4.98 9.38 -17.71
C GLU A 43 -5.16 7.86 -17.56
N THR A 44 -5.76 7.25 -18.57
CA THR A 44 -6.10 5.81 -18.52
C THR A 44 -4.89 4.92 -18.90
N LEU A 45 -4.03 5.40 -19.80
CA LEU A 45 -2.91 4.57 -20.26
C LEU A 45 -1.71 4.67 -19.34
N ILE A 46 -1.68 3.78 -18.36
CA ILE A 46 -0.66 3.78 -17.32
C ILE A 46 -0.63 2.39 -16.71
N CYS A 47 0.58 1.91 -16.43
CA CYS A 47 0.76 0.60 -15.87
C CYS A 47 1.94 0.63 -14.92
N GLU A 48 1.67 0.33 -13.65
CA GLU A 48 2.72 0.41 -12.62
C GLU A 48 2.44 -0.44 -11.39
N ALA A 49 1.26 -0.29 -10.80
CA ALA A 49 0.84 -1.21 -9.75
C ALA A 49 -0.58 -1.68 -10.12
N PRO A 50 -1.54 -0.74 -10.27
CA PRO A 50 -2.66 -1.04 -11.15
C PRO A 50 -2.12 -1.07 -12.60
N ASP A 51 -2.83 -1.74 -13.51
CA ASP A 51 -2.36 -1.86 -14.89
C ASP A 51 -3.17 -1.01 -15.87
N TYR A 52 -4.05 -0.18 -15.32
CA TYR A 52 -4.95 0.67 -16.09
C TYR A 52 -5.32 1.85 -15.19
N GLY A 53 -5.37 3.05 -15.76
CA GLY A 53 -5.40 4.29 -14.93
C GLY A 53 -6.72 4.57 -14.25
N HIS A 54 -7.78 3.90 -14.72
CA HIS A 54 -9.11 4.10 -14.15
C HIS A 54 -9.54 2.93 -13.33
N LEU A 55 -8.59 2.07 -13.00
CA LEU A 55 -8.76 1.27 -11.81
C LEU A 55 -8.53 2.23 -10.64
N THR A 56 -8.79 1.77 -9.43
CA THR A 56 -8.36 2.50 -8.24
C THR A 56 -7.91 1.56 -7.13
N THR A 57 -7.25 2.13 -6.12
CA THR A 57 -6.62 1.38 -5.06
C THR A 57 -7.12 1.92 -3.72
N SER A 58 -6.97 1.11 -2.68
CA SER A 58 -7.26 1.57 -1.34
C SER A 58 -6.27 2.67 -0.99
N GLU A 59 -5.08 2.62 -1.59
CA GLU A 59 -4.10 3.71 -1.51
C GLU A 59 -4.73 5.05 -1.94
N ALA A 60 -5.35 5.09 -3.12
CA ALA A 60 -5.98 6.29 -3.63
C ALA A 60 -7.06 6.76 -2.66
N PHE A 61 -7.89 5.82 -2.21
CA PHE A 61 -8.93 6.15 -1.20
C PHE A 61 -8.37 6.75 0.09
N SER A 62 -7.27 6.16 0.58
CA SER A 62 -6.55 6.71 1.75
C SER A 62 -6.04 8.12 1.50
N TYR A 63 -5.49 8.36 0.32
CA TYR A 63 -5.05 9.72 0.01
C TYR A 63 -6.23 10.71 -0.12
N TYR A 64 -7.36 10.21 -0.58
CA TYR A 64 -8.59 11.01 -0.68
C TYR A 64 -9.05 11.45 0.73
N VAL A 65 -9.05 10.52 1.68
CA VAL A 65 -9.39 10.83 3.06
C VAL A 65 -8.44 11.90 3.62
N TRP A 66 -7.16 11.74 3.30
CA TRP A 66 -6.12 12.63 3.75
C TRP A 66 -6.25 14.04 3.22
N LEU A 67 -6.46 14.16 1.91
CA LEU A 67 -6.65 15.47 1.26
C LEU A 67 -7.80 16.24 1.91
N GLU A 68 -8.92 15.56 2.12
CA GLU A 68 -10.10 16.19 2.71
C GLU A 68 -9.93 16.53 4.20
N ALA A 69 -9.12 15.74 4.91
CA ALA A 69 -8.82 16.05 6.31
C ALA A 69 -8.11 17.38 6.38
N VAL A 70 -7.13 17.57 5.51
CA VAL A 70 -6.39 18.80 5.43
C VAL A 70 -7.29 19.97 4.98
N TYR A 71 -8.21 19.70 4.07
CA TYR A 71 -9.20 20.68 3.66
C TYR A 71 -10.00 21.15 4.86
N GLY A 72 -10.40 20.22 5.72
CA GLY A 72 -11.12 20.55 6.94
C GLY A 72 -10.31 21.46 7.87
N LYS A 73 -9.00 21.23 7.94
CA LYS A 73 -8.08 22.02 8.73
C LYS A 73 -7.99 23.46 8.22
N LEU A 74 -7.77 23.62 6.94
CA LEU A 74 -7.63 24.90 6.31
C LEU A 74 -8.96 25.64 6.21
N THR A 75 -10.03 24.91 6.33
CA THR A 75 -11.33 25.37 5.96
C THR A 75 -12.39 25.47 7.05
N GLY A 76 -12.37 24.52 7.96
CA GLY A 76 -13.40 24.41 8.95
C GLY A 76 -14.58 23.68 8.42
N ASP A 77 -14.50 23.26 7.17
CA ASP A 77 -15.58 22.55 6.51
C ASP A 77 -15.24 21.05 6.48
N TRP A 78 -16.02 20.23 7.13
CA TRP A 78 -15.74 18.80 7.27
C TRP A 78 -16.65 17.92 6.45
N SER A 79 -17.40 18.54 5.54
CA SER A 79 -18.28 17.80 4.63
C SER A 79 -17.47 16.95 3.65
N LYS A 80 -16.35 17.48 3.15
CA LYS A 80 -15.52 16.78 2.16
C LYS A 80 -14.90 15.51 2.75
N PHE A 81 -14.43 15.64 3.99
CA PHE A 81 -13.84 14.51 4.72
C PHE A 81 -14.89 13.44 4.95
N LYS A 82 -16.10 13.85 5.34
CA LYS A 82 -17.19 12.93 5.60
C LYS A 82 -17.60 12.17 4.34
N THR A 83 -17.75 12.89 3.23
CA THR A 83 -18.18 12.23 1.99
C THR A 83 -17.06 11.32 1.46
N ALA A 84 -15.80 11.72 1.68
CA ALA A 84 -14.65 10.89 1.35
C ALA A 84 -14.75 9.55 2.06
N TRP A 85 -14.86 9.60 3.39
CA TRP A 85 -15.14 8.41 4.18
C TRP A 85 -16.38 7.70 3.76
N ASP A 86 -17.44 8.45 3.47
CA ASP A 86 -18.69 7.81 3.06
C ASP A 86 -18.49 6.99 1.79
N THR A 87 -17.83 7.57 0.81
CA THR A 87 -17.53 6.85 -0.43
C THR A 87 -16.66 5.62 -0.15
N LEU A 88 -15.66 5.81 0.72
CA LEU A 88 -14.72 4.73 1.05
C LEU A 88 -15.47 3.54 1.61
N GLU A 89 -16.31 3.80 2.59
CA GLU A 89 -17.08 2.73 3.20
C GLU A 89 -18.11 2.12 2.24
N LYS A 90 -18.77 2.97 1.46
CA LYS A 90 -19.80 2.49 0.52
C LYS A 90 -19.24 1.51 -0.52
N TYR A 91 -18.06 1.79 -1.05
CA TYR A 91 -17.54 1.08 -2.23
C TYR A 91 -16.26 0.23 -2.01
N MET A 92 -15.34 0.70 -1.17
CA MET A 92 -14.01 0.08 -1.06
C MET A 92 -13.90 -0.99 0.03
N ILE A 93 -14.76 -0.90 1.04
CA ILE A 93 -14.91 -2.00 2.00
C ILE A 93 -16.04 -2.88 1.49
N PRO A 94 -15.78 -4.18 1.34
CA PRO A 94 -16.84 -5.09 0.92
C PRO A 94 -17.99 -5.06 1.92
N SER A 95 -19.22 -5.07 1.42
CA SER A 95 -20.40 -5.03 2.29
C SER A 95 -20.72 -6.44 2.77
N ALA A 96 -21.72 -6.53 3.65
CA ALA A 96 -22.19 -7.82 4.13
C ALA A 96 -22.47 -8.80 2.98
N GLU A 97 -23.08 -8.30 1.91
CA GLU A 97 -23.36 -9.14 0.74
C GLU A 97 -22.10 -9.60 -0.01
N ASP A 98 -21.06 -8.78 -0.03
CA ASP A 98 -19.80 -9.11 -0.72
C ASP A 98 -18.97 -10.14 0.03
N GLN A 99 -19.11 -10.12 1.36
CA GLN A 99 -18.29 -11.01 2.19
C GLN A 99 -19.16 -11.74 3.23
N PRO A 100 -20.05 -12.64 2.76
CA PRO A 100 -20.98 -13.33 3.67
C PRO A 100 -20.29 -14.51 4.36
N MET A 101 -19.42 -14.21 5.31
CA MET A 101 -18.60 -15.23 5.97
C MET A 101 -19.38 -16.14 6.92
N ARG A 102 -19.27 -17.44 6.69
CA ARG A 102 -19.90 -18.43 7.54
C ARG A 102 -18.90 -19.57 7.77
N SER A 103 -19.06 -20.25 8.91
CA SER A 103 -18.26 -21.43 9.28
C SER A 103 -16.74 -21.20 9.38
N TYR A 104 -16.36 -20.01 9.88
CA TYR A 104 -14.95 -19.79 10.16
C TYR A 104 -14.47 -20.60 11.36
N ASP A 105 -13.30 -21.22 11.23
CA ASP A 105 -12.64 -21.89 12.33
C ASP A 105 -11.31 -21.24 12.75
N PRO A 106 -11.31 -20.51 13.89
CA PRO A 106 -10.12 -19.85 14.45
C PRO A 106 -8.94 -20.81 14.73
N ASN A 107 -9.26 -22.08 14.94
CA ASN A 107 -8.25 -23.12 15.18
C ASN A 107 -7.69 -23.69 13.89
N LYS A 108 -8.31 -23.33 12.77
CA LYS A 108 -7.84 -23.75 11.47
C LYS A 108 -8.24 -22.66 10.46
N PRO A 109 -7.58 -21.50 10.52
CA PRO A 109 -7.97 -20.29 9.78
C PRO A 109 -7.87 -20.39 8.25
N ALA A 110 -7.03 -21.28 7.74
CA ALA A 110 -6.81 -21.44 6.29
C ALA A 110 -6.10 -22.76 6.05
N THR A 111 -5.92 -23.13 4.79
CA THR A 111 -5.05 -24.23 4.47
C THR A 111 -3.87 -23.71 3.64
N TYR A 112 -2.70 -24.28 3.91
CA TYR A 112 -1.43 -23.79 3.38
C TYR A 112 -1.23 -24.08 1.90
N ALA A 113 -0.60 -23.12 1.23
CA ALA A 113 -0.02 -23.31 -0.09
C ALA A 113 1.33 -22.60 -0.16
N GLY A 114 2.29 -23.21 -0.86
CA GLY A 114 3.60 -22.62 -1.06
C GLY A 114 3.56 -21.36 -1.93
N GLU A 115 4.63 -20.57 -1.86
CA GLU A 115 4.87 -19.51 -2.81
C GLU A 115 6.05 -20.02 -3.62
N TRP A 116 6.13 -19.61 -4.88
CA TRP A 116 7.16 -20.13 -5.78
C TRP A 116 7.84 -19.03 -6.51
N GLU A 117 9.10 -19.25 -6.89
CA GLU A 117 9.93 -18.17 -7.43
C GLU A 117 9.45 -17.56 -8.77
N THR A 118 8.82 -18.36 -9.62
CA THR A 118 8.38 -17.86 -10.95
C THR A 118 6.91 -18.16 -11.18
N PRO A 119 6.22 -17.30 -11.98
CA PRO A 119 4.80 -17.54 -12.28
C PRO A 119 4.52 -18.92 -12.90
N ASP A 120 5.48 -19.47 -13.64
CA ASP A 120 5.26 -20.76 -14.32
C ASP A 120 5.23 -21.96 -13.36
N LYS A 121 5.46 -21.70 -12.08
CA LYS A 121 5.32 -22.73 -11.07
C LYS A 121 3.94 -22.77 -10.44
N TYR A 122 3.06 -21.89 -10.88
CA TYR A 122 1.68 -21.89 -10.37
C TYR A 122 0.77 -22.59 -11.38
N PRO A 123 -0.39 -23.11 -10.95
CA PRO A 123 -1.04 -23.01 -9.64
C PRO A 123 -0.25 -23.68 -8.52
N SER A 124 -0.28 -23.06 -7.34
CA SER A 124 0.37 -23.63 -6.17
C SER A 124 -0.55 -24.65 -5.52
N PRO A 125 -0.03 -25.87 -5.28
CA PRO A 125 -0.85 -26.91 -4.64
C PRO A 125 -1.16 -26.62 -3.16
N LEU A 126 -2.42 -26.79 -2.78
CA LEU A 126 -2.75 -26.79 -1.37
C LEU A 126 -2.04 -27.97 -0.75
N GLU A 127 -1.55 -27.78 0.49
CA GLU A 127 -0.91 -28.87 1.24
C GLU A 127 -1.69 -29.03 2.53
N PHE A 128 -2.54 -30.05 2.54
CA PHE A 128 -3.55 -30.22 3.57
C PHE A 128 -2.99 -30.78 4.90
N ASN A 129 -1.77 -31.29 4.90
CA ASN A 129 -1.17 -31.77 6.13
C ASN A 129 -0.35 -30.71 6.89
N VAL A 130 0.00 -29.62 6.20
CA VAL A 130 0.85 -28.59 6.80
C VAL A 130 0.09 -27.92 7.94
N PRO A 131 0.64 -27.96 9.17
CA PRO A 131 -0.04 -27.35 10.30
C PRO A 131 -0.16 -25.83 10.15
N VAL A 132 -1.31 -25.31 10.56
CA VAL A 132 -1.61 -23.89 10.54
C VAL A 132 -1.95 -23.51 11.98
N GLY A 133 -1.60 -22.28 12.37
CA GLY A 133 -1.75 -21.85 13.75
C GLY A 133 -3.10 -21.29 14.06
N LYS A 134 -3.28 -20.80 15.27
CA LYS A 134 -4.56 -20.23 15.69
C LYS A 134 -4.66 -18.72 15.47
N ASP A 135 -5.84 -18.28 15.06
CA ASP A 135 -6.19 -16.88 14.93
C ASP A 135 -6.75 -16.43 16.28
N PRO A 136 -6.04 -15.51 16.98
CA PRO A 136 -6.55 -15.08 18.28
C PRO A 136 -7.36 -13.81 18.20
N LEU A 137 -7.67 -13.34 16.99
CA LEU A 137 -8.41 -12.09 16.87
C LEU A 137 -9.89 -12.34 16.68
N HIS A 138 -10.23 -13.42 15.98
CA HIS A 138 -11.56 -13.63 15.43
C HIS A 138 -12.66 -13.45 16.43
N ASN A 139 -12.64 -14.28 17.47
CA ASN A 139 -13.66 -14.24 18.53
C ASN A 139 -13.81 -12.90 19.19
N GLU A 140 -12.68 -12.26 19.50
CA GLU A 140 -12.72 -10.96 20.14
C GLU A 140 -13.44 -9.95 19.27
N LEU A 141 -13.14 -10.00 17.97
CA LEU A 141 -13.72 -9.06 17.02
C LEU A 141 -15.24 -9.25 16.87
N VAL A 142 -15.64 -10.51 16.68
CA VAL A 142 -17.06 -10.89 16.60
C VAL A 142 -17.82 -10.48 17.87
N SER A 143 -17.26 -10.80 19.04
CA SER A 143 -17.82 -10.37 20.32
C SER A 143 -17.98 -8.87 20.40
N THR A 144 -17.01 -8.14 19.85
CA THR A 144 -16.97 -6.68 19.96
C THR A 144 -18.00 -6.01 19.05
N TYR A 145 -18.06 -6.48 17.81
CA TYR A 145 -18.84 -5.76 16.80
C TYR A 145 -20.18 -6.45 16.51
N GLY A 146 -20.30 -7.71 16.91
CA GLY A 146 -21.54 -8.45 16.74
C GLY A 146 -21.69 -8.97 15.32
N SER A 147 -20.63 -8.85 14.54
CA SER A 147 -20.67 -9.12 13.12
C SER A 147 -19.46 -9.94 12.69
N THR A 148 -19.59 -10.63 11.56
CA THR A 148 -18.50 -11.40 10.98
C THR A 148 -17.81 -10.63 9.85
N LEU A 149 -18.37 -9.47 9.51
CA LEU A 149 -17.81 -8.59 8.48
C LEU A 149 -16.40 -8.09 8.85
N MET A 150 -15.45 -8.25 7.94
CA MET A 150 -14.10 -7.73 8.13
C MET A 150 -14.07 -6.28 7.66
N TYR A 151 -13.77 -5.35 8.56
CA TYR A 151 -13.80 -3.93 8.20
C TYR A 151 -12.43 -3.42 7.71
N GLY A 152 -12.09 -3.78 6.48
CA GLY A 152 -10.87 -3.28 5.82
C GLY A 152 -11.15 -3.08 4.33
N MET A 153 -10.39 -2.19 3.70
CA MET A 153 -10.49 -1.99 2.25
C MET A 153 -9.88 -3.14 1.45
N HIS A 154 -10.63 -3.64 0.47
CA HIS A 154 -10.02 -4.46 -0.58
C HIS A 154 -9.16 -3.52 -1.41
N TRP A 155 -8.00 -3.97 -1.84
CA TRP A 155 -6.99 -3.07 -2.35
C TRP A 155 -7.18 -2.56 -3.76
N LEU A 156 -7.91 -3.31 -4.58
CA LEU A 156 -7.97 -3.04 -6.01
C LEU A 156 -9.40 -3.04 -6.54
N MET A 157 -9.77 -1.96 -7.22
CA MET A 157 -11.13 -1.79 -7.75
C MET A 157 -11.15 -1.41 -9.22
N ASP A 158 -12.03 -2.04 -9.99
CA ASP A 158 -12.31 -1.63 -11.37
C ASP A 158 -13.50 -0.66 -11.37
N VAL A 159 -13.17 0.62 -11.27
CA VAL A 159 -14.12 1.68 -10.94
C VAL A 159 -15.28 1.75 -11.95
N ASP A 160 -14.94 1.80 -13.23
CA ASP A 160 -15.98 1.92 -14.27
C ASP A 160 -16.26 0.63 -15.01
N ASN A 161 -16.00 -0.50 -14.36
CA ASN A 161 -16.16 -1.84 -14.95
C ASN A 161 -15.47 -2.03 -16.33
N TRP A 162 -14.25 -1.50 -16.46
CA TRP A 162 -13.46 -1.61 -17.70
C TRP A 162 -13.17 -3.04 -18.09
N TYR A 163 -12.85 -3.86 -17.09
CA TYR A 163 -12.63 -5.29 -17.31
C TYR A 163 -13.92 -6.06 -17.57
N GLY A 164 -15.01 -5.66 -16.92
CA GLY A 164 -16.30 -6.26 -17.21
C GLY A 164 -16.83 -7.31 -16.24
N TYR A 165 -16.19 -7.48 -15.07
CA TYR A 165 -16.68 -8.48 -14.08
C TYR A 165 -17.91 -8.04 -13.28
N GLY A 166 -18.13 -6.73 -13.19
CA GLY A 166 -19.21 -6.13 -12.40
C GLY A 166 -19.05 -6.44 -10.92
N LYS A 167 -20.13 -6.25 -10.16
CA LYS A 167 -20.14 -6.61 -8.74
C LYS A 167 -20.83 -7.93 -8.52
N ARG A 168 -20.22 -8.78 -7.70
CA ARG A 168 -20.74 -10.11 -7.40
C ARG A 168 -21.10 -10.89 -8.67
N GLY A 169 -20.26 -10.78 -9.69
CA GLY A 169 -20.43 -11.50 -10.95
C GLY A 169 -21.58 -11.02 -11.82
N ASP A 170 -22.10 -9.83 -11.59
CA ASP A 170 -23.23 -9.30 -12.39
C ASP A 170 -22.83 -8.72 -13.76
N GLY A 171 -21.53 -8.64 -14.04
CA GLY A 171 -21.05 -8.24 -15.36
C GLY A 171 -21.25 -6.78 -15.72
N VAL A 172 -22.00 -6.04 -14.89
CA VAL A 172 -22.45 -4.67 -15.24
C VAL A 172 -22.03 -3.57 -14.31
N SER A 173 -22.05 -3.83 -13.01
CA SER A 173 -21.95 -2.73 -12.05
C SER A 173 -20.56 -2.10 -12.04
N ARG A 174 -20.54 -0.80 -11.78
CA ARG A 174 -19.31 -0.07 -11.48
C ARG A 174 -18.77 -0.51 -10.10
N ALA A 175 -17.64 0.05 -9.69
CA ALA A 175 -17.05 -0.27 -8.38
C ALA A 175 -16.90 -1.79 -8.23
N SER A 176 -16.24 -2.40 -9.20
CA SER A 176 -16.06 -3.85 -9.30
C SER A 176 -14.80 -4.31 -8.54
N PHE A 177 -14.93 -5.32 -7.67
CA PHE A 177 -13.76 -5.84 -6.93
C PHE A 177 -12.96 -6.82 -7.79
N ILE A 178 -11.68 -6.53 -7.98
CA ILE A 178 -10.84 -7.40 -8.78
C ILE A 178 -9.50 -7.61 -8.10
N ASN A 179 -8.73 -8.56 -8.61
CA ASN A 179 -7.38 -8.79 -8.15
C ASN A 179 -6.50 -9.18 -9.29
N THR A 180 -5.19 -9.07 -9.07
CA THR A 180 -4.21 -9.37 -10.09
C THR A 180 -3.14 -10.23 -9.47
N PHE A 181 -2.28 -9.64 -8.65
CA PHE A 181 -1.09 -10.35 -8.15
C PHE A 181 -1.42 -11.60 -7.36
N GLN A 182 -0.94 -12.76 -7.82
CA GLN A 182 -1.20 -14.03 -7.13
C GLN A 182 -0.07 -15.02 -7.28
N ARG A 183 0.89 -14.75 -8.15
CA ARG A 183 1.83 -15.79 -8.55
C ARG A 183 3.29 -15.53 -8.18
N GLY A 184 3.49 -15.04 -6.97
CA GLY A 184 4.82 -15.04 -6.36
C GLY A 184 5.66 -13.82 -6.69
N PRO A 185 6.92 -13.84 -6.23
CA PRO A 185 7.79 -12.65 -6.25
C PRO A 185 8.26 -12.20 -7.64
N GLU A 186 8.04 -13.02 -8.67
CA GLU A 186 8.45 -12.61 -10.01
C GLU A 186 7.31 -12.32 -10.97
N GLU A 187 6.08 -12.30 -10.47
CA GLU A 187 4.96 -11.97 -11.31
C GLU A 187 4.85 -10.44 -11.30
N SER A 188 5.43 -9.79 -12.30
CA SER A 188 5.37 -8.32 -12.36
C SER A 188 3.96 -7.85 -12.74
N VAL A 189 3.73 -6.53 -12.69
CA VAL A 189 2.46 -5.95 -13.09
C VAL A 189 2.08 -6.37 -14.52
N TRP A 190 3.09 -6.69 -15.35
CA TRP A 190 2.88 -7.10 -16.72
C TRP A 190 2.46 -8.56 -16.89
N GLU A 191 2.53 -9.34 -15.81
CA GLU A 191 2.47 -10.82 -15.93
C GLU A 191 1.29 -11.45 -15.19
N THR A 192 0.33 -10.63 -14.85
CA THR A 192 -0.87 -11.07 -14.14
C THR A 192 -2.01 -11.46 -15.07
N VAL A 193 -3.03 -12.09 -14.50
CA VAL A 193 -4.32 -12.26 -15.18
C VAL A 193 -5.40 -11.63 -14.28
N PRO A 194 -5.90 -10.42 -14.63
CA PRO A 194 -6.91 -9.77 -13.81
C PRO A 194 -8.20 -10.61 -13.70
N HIS A 195 -8.71 -10.73 -12.48
CA HIS A 195 -9.76 -11.69 -12.19
C HIS A 195 -10.65 -11.11 -11.13
N PRO A 196 -11.92 -11.55 -11.09
CA PRO A 196 -12.86 -11.02 -10.12
C PRO A 196 -12.60 -11.57 -8.72
N SER A 197 -12.82 -10.73 -7.71
CA SER A 197 -12.70 -11.11 -6.31
C SER A 197 -13.81 -12.11 -5.98
N TRP A 198 -14.97 -11.91 -6.61
CA TRP A 198 -16.12 -12.81 -6.53
C TRP A 198 -16.05 -13.80 -7.66
N GLU A 199 -15.89 -15.07 -7.34
CA GLU A 199 -15.68 -16.11 -8.36
C GLU A 199 -16.88 -17.06 -8.48
N GLU A 200 -17.61 -16.93 -9.58
CA GLU A 200 -18.77 -17.77 -9.88
C GLU A 200 -18.56 -18.65 -11.12
N PHE A 201 -17.34 -18.65 -11.64
CA PHE A 201 -16.96 -19.35 -12.87
C PHE A 201 -17.62 -18.78 -14.14
N LYS A 202 -18.16 -17.57 -14.08
CA LYS A 202 -18.72 -16.89 -15.26
C LYS A 202 -17.65 -16.60 -16.31
N TRP A 203 -16.40 -16.44 -15.90
CA TRP A 203 -15.32 -16.11 -16.82
C TRP A 203 -14.17 -17.05 -16.65
N GLY A 204 -13.06 -16.78 -17.33
CA GLY A 204 -11.89 -17.63 -17.29
C GLY A 204 -12.12 -19.03 -17.85
N GLY A 205 -11.58 -20.04 -17.18
CA GLY A 205 -11.76 -21.43 -17.58
C GLY A 205 -12.94 -22.08 -16.88
N PRO A 206 -13.00 -23.42 -16.86
CA PRO A 206 -14.10 -24.17 -16.22
C PRO A 206 -14.21 -23.88 -14.72
N ASN A 207 -13.07 -23.63 -14.08
CA ASN A 207 -13.03 -23.27 -12.66
C ASN A 207 -12.74 -21.77 -12.45
N GLY A 208 -13.31 -20.94 -13.32
CA GLY A 208 -13.02 -19.50 -13.33
C GLY A 208 -11.53 -19.32 -13.46
N PHE A 209 -10.96 -18.51 -12.56
CA PHE A 209 -9.52 -18.25 -12.58
C PHE A 209 -8.73 -19.03 -11.51
N LEU A 210 -9.45 -19.74 -10.63
CA LEU A 210 -8.85 -20.38 -9.42
C LEU A 210 -7.65 -21.27 -9.71
N ASP A 211 -7.73 -22.05 -10.76
CA ASP A 211 -6.67 -23.04 -11.00
C ASP A 211 -5.52 -22.49 -11.82
N LEU A 212 -5.47 -21.18 -12.02
CA LEU A 212 -4.23 -20.53 -12.42
C LEU A 212 -3.33 -20.33 -11.20
N PHE A 213 -3.96 -20.25 -10.04
CA PHE A 213 -3.32 -19.76 -8.83
C PHE A 213 -3.15 -20.84 -7.74
N ILE A 214 -4.23 -21.55 -7.43
CA ILE A 214 -4.22 -22.58 -6.37
C ILE A 214 -4.68 -23.92 -6.94
N LYS A 215 -3.86 -24.95 -6.80
CA LYS A 215 -4.23 -26.32 -7.21
C LYS A 215 -4.93 -27.12 -6.10
N ASP A 216 -6.16 -27.55 -6.38
CA ASP A 216 -6.98 -28.35 -5.47
C ASP A 216 -7.56 -29.58 -6.21
N GLN A 217 -8.29 -30.44 -5.47
CA GLN A 217 -8.96 -31.62 -6.06
C GLN A 217 -10.27 -31.23 -6.73
N ASN A 218 -10.99 -30.31 -6.11
CA ASN A 218 -12.15 -29.69 -6.75
C ASN A 218 -12.26 -28.24 -6.33
N TYR A 219 -13.15 -27.49 -7.00
CA TYR A 219 -13.22 -26.04 -6.86
C TYR A 219 -14.62 -25.57 -6.59
N SER A 220 -14.75 -24.62 -5.66
CA SER A 220 -16.03 -24.10 -5.29
C SER A 220 -16.15 -22.62 -5.63
N LYS A 221 -17.36 -22.21 -5.98
CA LYS A 221 -17.66 -20.79 -6.11
C LYS A 221 -17.37 -20.09 -4.77
N GLN A 222 -16.69 -18.95 -4.85
CA GLN A 222 -16.14 -18.32 -3.66
C GLN A 222 -15.76 -16.87 -3.91
N TRP A 223 -15.72 -16.11 -2.82
CA TRP A 223 -15.20 -14.75 -2.83
C TRP A 223 -13.93 -14.70 -2.01
N ARG A 224 -13.09 -13.69 -2.30
CA ARG A 224 -11.91 -13.42 -1.47
C ARG A 224 -11.47 -11.97 -1.69
N TYR A 225 -10.95 -11.35 -0.62
CA TYR A 225 -10.47 -9.99 -0.70
C TYR A 225 -9.08 -9.89 -0.11
N THR A 226 -8.38 -8.82 -0.47
CA THR A 226 -7.00 -8.61 -0.05
C THR A 226 -6.85 -7.15 0.38
N ASP A 227 -6.46 -6.96 1.63
CA ASP A 227 -6.19 -5.64 2.22
C ASP A 227 -4.76 -5.24 1.97
N ALA A 228 -4.54 -3.95 1.68
CA ALA A 228 -3.19 -3.39 1.65
C ALA A 228 -3.02 -2.61 2.94
N PRO A 229 -2.28 -3.17 3.91
CA PRO A 229 -2.21 -2.54 5.23
C PRO A 229 -1.68 -1.10 5.24
N ASP A 230 -0.79 -0.76 4.31
CA ASP A 230 -0.28 0.59 4.27
C ASP A 230 -1.36 1.63 4.01
N ALA A 231 -2.34 1.28 3.17
CA ALA A 231 -3.45 2.18 2.81
C ALA A 231 -4.42 2.37 3.95
N ASP A 232 -4.84 1.27 4.57
CA ASP A 232 -5.72 1.35 5.75
C ASP A 232 -5.09 2.20 6.88
N ALA A 233 -3.79 2.01 7.11
CA ALA A 233 -3.09 2.77 8.15
C ALA A 233 -2.99 4.24 7.76
N ARG A 234 -2.73 4.52 6.48
CA ARG A 234 -2.74 5.91 5.97
C ARG A 234 -4.09 6.59 6.24
N ALA A 235 -5.17 5.88 5.99
CA ALA A 235 -6.51 6.40 6.24
C ALA A 235 -6.72 6.73 7.73
N ILE A 236 -6.19 5.87 8.60
CA ILE A 236 -6.31 6.02 10.05
C ILE A 236 -5.48 7.21 10.47
N GLN A 237 -4.28 7.30 9.91
CA GLN A 237 -3.37 8.41 10.13
C GLN A 237 -4.03 9.74 9.77
N ALA A 238 -4.68 9.77 8.59
CA ALA A 238 -5.39 10.97 8.14
C ALA A 238 -6.51 11.38 9.11
N THR A 239 -7.25 10.38 9.58
CA THR A 239 -8.40 10.58 10.48
C THR A 239 -7.96 11.05 11.86
N TYR A 240 -6.75 10.64 12.27
CA TYR A 240 -6.19 11.13 13.52
C TYR A 240 -6.06 12.65 13.43
N TRP A 241 -5.51 13.14 12.32
CA TRP A 241 -5.31 14.56 12.17
C TRP A 241 -6.58 15.32 12.01
N ALA A 242 -7.57 14.68 11.38
CA ALA A 242 -8.89 15.29 11.23
C ALA A 242 -9.52 15.42 12.60
N LYS A 243 -9.32 14.39 13.43
CA LYS A 243 -9.80 14.38 14.80
C LYS A 243 -9.22 15.54 15.62
N VAL A 244 -7.89 15.72 15.59
CA VAL A 244 -7.28 16.80 16.40
C VAL A 244 -7.61 18.17 15.82
N TRP A 245 -7.70 18.26 14.50
CA TRP A 245 -8.03 19.51 13.85
C TRP A 245 -9.45 19.90 14.11
N ALA A 246 -10.38 18.95 13.96
CA ALA A 246 -11.77 19.21 14.29
C ALA A 246 -11.95 19.60 15.76
N LYS A 247 -11.23 18.92 16.64
CA LYS A 247 -11.28 19.21 18.07
C LYS A 247 -10.85 20.64 18.33
N GLU A 248 -9.75 21.05 17.69
CA GLU A 248 -9.25 22.42 17.78
C GLU A 248 -10.30 23.46 17.40
N GLN A 249 -11.15 23.11 16.46
CA GLN A 249 -12.12 24.05 15.93
C GLN A 249 -13.42 24.03 16.70
N GLY A 250 -13.53 23.08 17.62
CA GLY A 250 -14.78 22.88 18.34
C GLY A 250 -15.78 22.11 17.50
N LYS A 251 -15.26 21.33 16.55
CA LYS A 251 -16.12 20.59 15.63
C LYS A 251 -16.04 19.06 15.75
N PHE A 252 -15.45 18.56 16.84
CA PHE A 252 -15.24 17.12 16.99
C PHE A 252 -16.49 16.31 16.69
N ASN A 253 -17.64 16.77 17.19
CA ASN A 253 -18.89 16.01 17.10
C ASN A 253 -19.42 15.66 15.71
N GLU A 254 -19.23 16.55 14.75
CA GLU A 254 -19.60 16.25 13.36
C GLU A 254 -18.88 14.99 12.87
N ILE A 255 -17.64 14.83 13.31
CA ILE A 255 -16.69 13.84 12.81
C ILE A 255 -16.65 12.55 13.64
N SER A 256 -17.15 12.61 14.87
CA SER A 256 -17.03 11.51 15.82
C SER A 256 -17.32 10.10 15.28
N SER A 257 -18.38 9.94 14.50
CA SER A 257 -18.74 8.62 14.03
C SER A 257 -17.75 8.12 12.96
N TYR A 258 -16.99 9.06 12.43
CA TYR A 258 -15.96 8.82 11.40
C TYR A 258 -14.59 8.49 12.00
N VAL A 259 -14.28 9.08 13.16
CA VAL A 259 -13.08 8.64 13.87
C VAL A 259 -13.34 7.22 14.35
N ALA A 260 -14.62 6.92 14.59
CA ALA A 260 -15.05 5.58 14.96
C ALA A 260 -14.82 4.59 13.83
N LYS A 261 -14.88 5.08 12.59
CA LYS A 261 -14.61 4.24 11.43
C LYS A 261 -13.11 3.89 11.44
N ALA A 262 -12.27 4.90 11.70
CA ALA A 262 -10.83 4.69 11.72
C ALA A 262 -10.43 3.77 12.86
N ALA A 263 -11.06 3.94 14.01
CA ALA A 263 -10.88 3.03 15.15
C ALA A 263 -11.19 1.59 14.81
N LYS A 264 -12.35 1.36 14.18
CA LYS A 264 -12.77 0.00 13.80
C LYS A 264 -11.90 -0.61 12.71
N MET A 265 -11.55 0.20 11.71
CA MET A 265 -10.59 -0.21 10.68
C MET A 265 -9.24 -0.65 11.32
N GLY A 266 -8.76 0.14 12.29
CA GLY A 266 -7.59 -0.22 13.09
C GLY A 266 -7.74 -1.53 13.84
N ASP A 267 -8.96 -1.80 14.33
CA ASP A 267 -9.21 -3.03 15.05
C ASP A 267 -8.99 -4.24 14.14
N TYR A 268 -9.49 -4.15 12.90
CA TYR A 268 -9.38 -5.27 11.96
C TYR A 268 -7.99 -5.32 11.33
N LEU A 269 -7.33 -4.16 11.20
CA LEU A 269 -5.98 -4.07 10.64
C LEU A 269 -4.92 -4.92 11.38
N ARG A 270 -5.25 -5.33 12.60
CA ARG A 270 -4.40 -6.21 13.39
C ARG A 270 -4.12 -7.54 12.70
N TYR A 271 -5.00 -7.94 11.76
CA TYR A 271 -4.69 -9.12 10.96
C TYR A 271 -3.36 -8.98 10.20
N ALA A 272 -2.98 -7.75 9.88
CA ALA A 272 -1.70 -7.49 9.19
C ALA A 272 -0.48 -7.83 10.05
N MET A 273 -0.70 -8.00 11.35
CA MET A 273 0.37 -8.19 12.34
C MET A 273 0.76 -9.66 12.52
N PHE A 274 0.12 -10.56 11.78
CA PHE A 274 0.35 -11.99 11.95
C PHE A 274 1.00 -12.66 10.76
N ASP A 275 1.79 -13.68 11.03
CA ASP A 275 2.28 -14.59 10.01
C ASP A 275 1.13 -15.10 9.11
N LYS A 276 1.42 -15.34 7.85
CA LYS A 276 0.41 -15.72 6.85
C LYS A 276 -0.50 -16.83 7.34
N TYR A 277 0.12 -17.93 7.77
CA TYR A 277 -0.60 -19.10 8.27
C TYR A 277 -0.51 -19.26 9.78
N PHE A 278 -0.31 -18.13 10.47
CA PHE A 278 -0.22 -18.11 11.94
C PHE A 278 0.82 -19.06 12.50
N LYS A 279 1.94 -19.20 11.79
CA LYS A 279 3.05 -20.02 12.24
C LYS A 279 3.92 -19.21 13.20
N PRO A 280 4.59 -19.89 14.18
CA PRO A 280 5.47 -19.20 15.13
C PRO A 280 6.57 -18.44 14.43
N LEU A 281 6.89 -17.27 14.97
CA LEU A 281 8.02 -16.49 14.47
C LEU A 281 9.29 -17.32 14.55
N GLY A 282 10.06 -17.33 13.47
CA GLY A 282 11.34 -18.03 13.44
C GLY A 282 11.24 -19.52 13.18
N CYS A 283 10.03 -20.04 12.98
CA CYS A 283 9.85 -21.52 12.95
C CYS A 283 10.71 -22.24 11.91
N GLN A 284 10.89 -21.62 10.75
CA GLN A 284 11.76 -22.14 9.67
C GLN A 284 11.51 -23.61 9.31
N ASP A 285 10.27 -24.05 9.42
CA ASP A 285 9.88 -25.41 9.12
C ASP A 285 8.39 -25.43 8.82
N LYS A 286 8.01 -25.72 7.57
CA LYS A 286 6.57 -25.70 7.26
C LYS A 286 5.79 -26.77 8.03
N ASN A 287 6.47 -27.86 8.40
CA ASN A 287 5.82 -28.94 9.14
C ASN A 287 5.74 -28.72 10.64
N ALA A 288 6.42 -27.69 11.14
CA ALA A 288 6.31 -27.28 12.53
C ALA A 288 4.84 -27.04 12.89
N ALA A 289 4.52 -27.24 14.16
CA ALA A 289 3.19 -27.03 14.67
C ALA A 289 2.84 -25.56 14.52
N GLY A 290 1.55 -25.25 14.47
CA GLY A 290 1.10 -23.85 14.35
C GLY A 290 1.25 -23.10 15.67
N GLY A 291 1.26 -21.77 15.60
CA GLY A 291 1.28 -20.97 16.81
C GLY A 291 -0.02 -21.13 17.58
N THR A 292 -0.04 -20.72 18.84
CA THR A 292 -1.23 -20.92 19.67
C THR A 292 -1.92 -19.61 19.95
N GLY A 293 -1.35 -18.52 19.44
CA GLY A 293 -1.93 -17.21 19.64
C GLY A 293 -0.99 -16.14 19.15
N TYR A 294 -0.41 -15.38 20.07
CA TYR A 294 0.42 -14.26 19.67
C TYR A 294 1.87 -14.62 19.43
N ASP A 295 2.19 -15.91 19.47
CA ASP A 295 3.54 -16.37 19.16
C ASP A 295 3.79 -16.33 17.64
N SER A 296 2.70 -16.15 16.90
CA SER A 296 2.76 -15.94 15.46
C SER A 296 2.54 -14.48 15.04
N ALA A 297 2.51 -13.55 15.99
CA ALA A 297 2.38 -12.15 15.62
C ALA A 297 3.75 -11.50 15.51
N HIS A 298 4.05 -10.90 14.36
CA HIS A 298 5.27 -10.09 14.22
C HIS A 298 5.02 -8.63 14.58
N TYR A 299 3.75 -8.28 14.75
CA TYR A 299 3.38 -6.93 15.23
C TYR A 299 3.76 -5.77 14.28
N LEU A 300 4.01 -6.10 13.02
CA LEU A 300 4.29 -5.10 11.99
C LEU A 300 3.16 -5.10 10.95
N LEU A 301 3.15 -4.08 10.10
CA LEU A 301 2.17 -4.02 9.01
C LEU A 301 2.72 -4.76 7.81
N SER A 302 2.25 -5.99 7.64
CA SER A 302 2.77 -6.86 6.60
C SER A 302 2.18 -6.51 5.23
N TRP A 303 2.54 -7.28 4.20
CA TRP A 303 2.20 -6.95 2.82
C TRP A 303 0.72 -7.05 2.56
N TYR A 304 0.03 -7.92 3.28
CA TYR A 304 -1.41 -8.01 3.14
C TYR A 304 -2.02 -8.73 4.31
N TYR A 305 -3.32 -8.62 4.40
CA TYR A 305 -4.08 -9.72 4.96
C TYR A 305 -5.16 -10.06 3.94
N ALA A 306 -5.71 -11.26 4.04
CA ALA A 306 -6.68 -11.69 3.06
C ALA A 306 -7.69 -12.58 3.74
N TRP A 307 -8.90 -12.63 3.17
CA TRP A 307 -9.96 -13.46 3.70
C TRP A 307 -10.88 -13.88 2.60
N GLY A 308 -11.43 -15.10 2.74
CA GLY A 308 -12.26 -15.70 1.69
C GLY A 308 -13.36 -16.56 2.29
N GLY A 309 -14.32 -16.94 1.45
CA GLY A 309 -15.45 -17.80 1.86
C GLY A 309 -16.13 -18.44 0.64
N ALA A 310 -16.57 -19.68 0.80
CA ALA A 310 -17.38 -20.38 -0.21
C ALA A 310 -18.69 -19.62 -0.35
N LEU A 311 -19.23 -19.59 -1.56
CA LEU A 311 -20.54 -18.98 -1.74
C LEU A 311 -21.61 -19.80 -1.01
N ASP A 312 -21.48 -21.13 -1.00
CA ASP A 312 -22.45 -21.97 -0.29
C ASP A 312 -22.30 -21.92 1.24
N GLY A 313 -21.22 -21.27 1.70
CA GLY A 313 -20.98 -21.07 3.14
C GLY A 313 -20.35 -22.24 3.88
N ALA A 314 -19.90 -23.25 3.14
CA ALA A 314 -19.30 -24.45 3.72
C ALA A 314 -18.03 -24.16 4.54
N TRP A 315 -17.35 -23.07 4.19
CA TRP A 315 -16.09 -22.72 4.85
C TRP A 315 -15.72 -21.29 4.62
N SER A 316 -14.67 -20.86 5.32
CA SER A 316 -14.06 -19.56 5.12
C SER A 316 -12.64 -19.59 5.68
N TRP A 317 -11.89 -18.53 5.41
CA TRP A 317 -10.49 -18.47 5.77
C TRP A 317 -9.98 -17.06 5.90
N LYS A 318 -8.90 -16.92 6.66
CA LYS A 318 -8.24 -15.64 6.87
C LYS A 318 -6.76 -15.94 6.86
N ILE A 319 -5.97 -15.07 6.23
CA ILE A 319 -4.53 -15.15 6.35
C ILE A 319 -3.95 -13.77 6.66
N GLY A 320 -2.76 -13.74 7.26
CA GLY A 320 -2.00 -12.51 7.39
C GLY A 320 -0.95 -12.57 6.30
N SER A 321 0.25 -12.05 6.57
CA SER A 321 1.35 -12.18 5.63
C SER A 321 2.63 -12.34 6.42
N SER A 322 3.52 -13.21 5.95
CA SER A 322 4.81 -13.40 6.61
C SER A 322 5.88 -12.39 6.18
N HIS A 323 5.59 -11.59 5.17
CA HIS A 323 6.56 -10.63 4.58
C HIS A 323 6.24 -9.23 5.00
N VAL A 324 7.26 -8.51 5.43
CA VAL A 324 7.11 -7.15 5.94
C VAL A 324 8.14 -6.20 5.31
N HIS A 325 7.62 -5.07 4.80
CA HIS A 325 8.39 -4.02 4.17
C HIS A 325 8.32 -2.78 5.02
N PHE A 326 9.45 -2.10 5.22
CA PHE A 326 9.49 -0.92 6.07
C PHE A 326 8.58 0.17 5.47
N GLY A 327 8.42 0.11 4.15
CA GLY A 327 7.63 1.08 3.40
C GLY A 327 6.17 1.08 3.75
N TYR A 328 5.71 -0.01 4.37
CA TYR A 328 4.32 -0.07 4.86
C TYR A 328 4.07 0.49 6.26
N GLN A 329 5.11 0.64 7.06
CA GLN A 329 4.89 0.93 8.48
C GLN A 329 4.30 2.33 8.72
N ASN A 330 3.67 2.49 9.88
CA ASN A 330 2.98 3.75 10.21
C ASN A 330 2.88 4.00 11.71
N PRO A 331 3.96 4.55 12.31
CA PRO A 331 3.98 4.76 13.75
C PRO A 331 2.98 5.83 14.21
N MET A 332 2.65 6.77 13.33
CA MET A 332 1.62 7.77 13.64
C MET A 332 0.27 7.12 13.90
N ALA A 333 -0.16 6.27 12.96
CA ALA A 333 -1.44 5.56 13.15
C ALA A 333 -1.40 4.63 14.35
N ALA A 334 -0.28 3.91 14.50
CA ALA A 334 -0.12 2.98 15.62
C ALA A 334 -0.16 3.76 16.92
N TRP A 335 0.56 4.87 16.99
CA TRP A 335 0.55 5.67 18.21
C TRP A 335 -0.85 6.13 18.52
N ALA A 336 -1.53 6.68 17.52
CA ALA A 336 -2.89 7.18 17.68
C ALA A 336 -3.84 6.11 18.19
N LEU A 337 -3.77 4.92 17.59
CA LEU A 337 -4.65 3.82 18.00
C LEU A 337 -4.32 3.26 19.38
N ALA A 338 -3.05 3.31 19.75
CA ALA A 338 -2.56 2.80 21.04
C ALA A 338 -2.92 3.75 22.20
N ASN A 339 -2.84 5.06 21.94
CA ASN A 339 -2.67 6.06 22.99
C ASN A 339 -3.71 7.16 23.03
N ASP A 340 -4.31 7.49 21.89
CA ASP A 340 -5.27 8.59 21.84
C ASP A 340 -6.66 8.05 22.17
N SER A 341 -7.28 8.59 23.22
CA SER A 341 -8.53 8.01 23.74
C SER A 341 -9.71 8.11 22.75
N ASP A 342 -9.67 9.09 21.86
CA ASP A 342 -10.68 9.16 20.80
C ASP A 342 -10.56 8.02 19.76
N MET A 343 -9.33 7.58 19.51
CA MET A 343 -9.04 6.63 18.43
C MET A 343 -8.98 5.17 18.84
N LYS A 344 -8.99 4.89 20.14
CA LYS A 344 -8.77 3.53 20.59
C LYS A 344 -9.87 2.60 20.09
N PRO A 345 -9.48 1.45 19.50
CA PRO A 345 -10.43 0.45 19.04
C PRO A 345 -11.29 -0.06 20.19
N LYS A 346 -12.48 -0.54 19.86
CA LYS A 346 -13.44 -0.95 20.87
C LYS A 346 -13.14 -2.33 21.44
N SER A 347 -12.35 -3.14 20.74
CA SER A 347 -12.03 -4.48 21.22
C SER A 347 -11.20 -4.41 22.51
N PRO A 348 -11.27 -5.46 23.38
CA PRO A 348 -10.47 -5.45 24.61
C PRO A 348 -8.94 -5.29 24.37
N ASN A 349 -8.41 -6.01 23.40
CA ASN A 349 -6.97 -6.03 23.16
C ASN A 349 -6.45 -5.14 22.02
N GLY A 350 -7.34 -4.52 21.28
CA GLY A 350 -6.92 -3.65 20.17
C GLY A 350 -5.86 -2.61 20.47
N ALA A 351 -6.12 -1.73 21.43
CA ALA A 351 -5.16 -0.66 21.76
C ALA A 351 -3.81 -1.24 22.24
N SER A 352 -3.89 -2.31 23.04
CA SER A 352 -2.70 -2.99 23.56
C SER A 352 -1.85 -3.56 22.44
N ASP A 353 -2.50 -4.24 21.49
CA ASP A 353 -1.82 -4.75 20.32
C ASP A 353 -1.13 -3.64 19.52
N TRP A 354 -1.79 -2.47 19.42
CA TRP A 354 -1.19 -1.33 18.71
C TRP A 354 -0.04 -0.67 19.40
N ALA A 355 -0.08 -0.66 20.73
CA ALA A 355 1.09 -0.23 21.53
C ALA A 355 2.30 -1.17 21.26
N LYS A 356 2.05 -2.46 21.14
CA LYS A 356 3.13 -3.41 20.86
C LYS A 356 3.66 -3.19 19.44
N SER A 357 2.74 -2.99 18.51
CA SER A 357 3.12 -2.72 17.12
C SER A 357 3.92 -1.41 16.98
N LEU A 358 3.50 -0.36 17.69
CA LEU A 358 4.26 0.91 17.67
C LEU A 358 5.73 0.67 18.03
N LYS A 359 5.98 0.03 19.16
CA LYS A 359 7.34 -0.24 19.62
C LYS A 359 8.07 -1.13 18.62
N ARG A 360 7.42 -2.20 18.19
CA ARG A 360 8.04 -3.14 17.25
C ARG A 360 8.38 -2.46 15.91
N GLN A 361 7.50 -1.59 15.43
CA GLN A 361 7.76 -0.83 14.22
C GLN A 361 8.96 0.07 14.31
N ILE A 362 9.08 0.81 15.41
CA ILE A 362 10.21 1.70 15.58
C ILE A 362 11.52 0.90 15.64
N GLU A 363 11.50 -0.26 16.32
CA GLU A 363 12.70 -1.12 16.35
C GLU A 363 13.06 -1.60 14.94
N PHE A 364 12.03 -1.94 14.16
CA PHE A 364 12.20 -2.44 12.78
C PHE A 364 12.90 -1.39 11.90
N TYR A 365 12.42 -0.14 11.98
CA TYR A 365 13.04 0.96 11.21
C TYR A 365 14.51 1.09 11.58
N ARG A 366 14.79 1.05 12.89
CA ARG A 366 16.14 1.27 13.36
C ARG A 366 17.04 0.12 12.93
N TRP A 367 16.52 -1.10 13.05
CA TRP A 367 17.26 -2.28 12.62
C TRP A 367 17.64 -2.22 11.17
N LEU A 368 16.73 -1.71 10.33
CA LEU A 368 16.95 -1.63 8.88
C LEU A 368 17.78 -0.45 8.40
N GLN A 369 18.15 0.46 9.29
CA GLN A 369 18.85 1.68 8.84
C GLN A 369 20.30 1.41 8.39
N SER A 370 20.57 1.73 7.13
CA SER A 370 21.87 1.56 6.53
C SER A 370 22.96 2.43 7.20
N ALA A 371 24.20 2.06 6.92
CA ALA A 371 25.37 2.85 7.28
C ALA A 371 25.20 4.30 6.88
N GLU A 372 24.58 4.55 5.73
CA GLU A 372 24.39 5.91 5.24
C GLU A 372 23.15 6.59 5.81
N GLY A 373 22.09 5.81 6.05
CA GLY A 373 20.89 6.36 6.64
C GLY A 373 19.57 6.01 5.96
N ALA A 374 19.63 5.53 4.72
CA ALA A 374 18.42 5.08 4.03
C ALA A 374 17.94 3.81 4.73
N ILE A 375 16.64 3.51 4.63
CA ILE A 375 16.10 2.33 5.28
C ILE A 375 16.05 1.11 4.33
N ALA A 376 16.64 0.01 4.77
CA ALA A 376 16.64 -1.23 4.00
C ALA A 376 15.25 -1.86 3.98
N GLY A 377 15.09 -2.90 3.15
CA GLY A 377 13.77 -3.40 2.77
C GLY A 377 12.85 -3.89 3.89
N GLY A 378 13.30 -4.92 4.61
CA GLY A 378 12.43 -5.58 5.56
C GLY A 378 12.84 -6.99 5.93
N ALA A 379 11.84 -7.85 6.15
CA ALA A 379 12.10 -9.18 6.68
C ALA A 379 10.96 -10.11 6.34
N THR A 380 11.20 -11.40 6.52
CA THR A 380 10.15 -12.40 6.34
C THR A 380 10.22 -13.43 7.43
N ASN A 381 9.05 -13.93 7.81
CA ASN A 381 8.97 -15.12 8.63
C ASN A 381 8.82 -16.39 7.82
N SER A 382 8.85 -16.28 6.49
CA SER A 382 8.64 -17.47 5.64
C SER A 382 9.60 -17.38 4.49
N TRP A 383 10.79 -17.93 4.73
CA TRP A 383 11.83 -17.90 3.74
C TRP A 383 11.35 -18.60 2.49
N ASN A 384 11.51 -17.93 1.36
CA ASN A 384 10.91 -18.25 0.05
C ASN A 384 9.41 -18.51 0.07
N GLY A 385 8.72 -18.02 1.09
CA GLY A 385 7.27 -18.23 1.22
C GLY A 385 6.91 -19.69 1.43
N ARG A 386 7.87 -20.47 1.91
CA ARG A 386 7.71 -21.90 2.17
C ARG A 386 8.24 -22.31 3.56
N TYR A 387 8.34 -21.34 4.48
CA TYR A 387 8.90 -21.56 5.82
C TYR A 387 10.17 -22.39 5.79
N GLU A 388 11.11 -22.01 4.93
CA GLU A 388 12.39 -22.69 4.86
C GLU A 388 13.47 -22.17 5.81
N LYS A 389 14.55 -22.94 5.94
CA LYS A 389 15.66 -22.60 6.84
C LYS A 389 16.47 -21.43 6.26
N TYR A 390 16.73 -20.42 7.08
CA TYR A 390 17.52 -19.28 6.61
C TYR A 390 18.93 -19.74 6.32
N PRO A 391 19.61 -19.15 5.32
CA PRO A 391 21.02 -19.45 5.09
C PRO A 391 21.85 -19.08 6.32
N ALA A 392 22.97 -19.78 6.51
CA ALA A 392 23.90 -19.45 7.59
C ALA A 392 24.33 -17.98 7.50
N GLY A 393 24.38 -17.30 8.64
CA GLY A 393 24.80 -15.90 8.65
C GLY A 393 23.69 -14.90 8.31
N THR A 394 22.44 -15.37 8.24
CA THR A 394 21.34 -14.45 7.94
C THR A 394 21.01 -13.59 9.16
N ALA A 395 20.95 -12.27 8.97
CA ALA A 395 20.59 -11.37 10.03
C ALA A 395 19.10 -11.49 10.31
N THR A 396 18.72 -11.42 11.57
CA THR A 396 17.33 -11.66 11.96
C THR A 396 16.75 -10.61 12.92
N PHE A 397 15.43 -10.54 12.97
CA PHE A 397 14.74 -9.54 13.77
C PHE A 397 13.57 -10.30 14.36
N TYR A 398 13.65 -10.54 15.67
CA TYR A 398 12.69 -11.40 16.38
C TYR A 398 12.38 -12.67 15.56
N GLY A 399 13.46 -13.31 15.10
CA GLY A 399 13.34 -14.59 14.40
C GLY A 399 12.99 -14.51 12.92
N MET A 400 12.77 -13.29 12.41
CA MET A 400 12.49 -13.11 11.00
C MET A 400 13.80 -12.80 10.26
N ALA A 401 13.91 -13.30 9.04
CA ALA A 401 15.15 -13.09 8.23
C ALA A 401 15.12 -11.79 7.46
N TYR A 402 16.23 -11.04 7.50
CA TYR A 402 16.40 -9.83 6.68
C TYR A 402 16.24 -10.15 5.18
N GLU A 403 15.48 -9.31 4.48
CA GLU A 403 15.32 -9.39 3.02
C GLU A 403 15.47 -7.99 2.46
N PRO A 404 16.46 -7.78 1.57
CA PRO A 404 16.62 -6.46 0.92
C PRO A 404 15.38 -6.05 0.14
N ASN A 405 14.67 -7.03 -0.41
CA ASN A 405 13.53 -6.76 -1.28
C ASN A 405 12.37 -7.69 -0.97
N PRO A 406 11.67 -7.43 0.16
CA PRO A 406 10.56 -8.30 0.54
C PRO A 406 9.50 -8.41 -0.56
N VAL A 407 8.96 -9.61 -0.74
CA VAL A 407 7.81 -9.86 -1.63
C VAL A 407 8.10 -9.89 -3.14
N TYR A 408 8.67 -8.81 -3.69
CA TYR A 408 8.97 -8.75 -5.14
C TYR A 408 10.44 -8.60 -5.42
N HIS A 409 10.95 -9.42 -6.30
CA HIS A 409 12.35 -9.44 -6.61
C HIS A 409 12.75 -8.89 -7.94
N ASP A 410 11.85 -8.77 -8.89
CA ASP A 410 12.26 -8.15 -10.13
C ASP A 410 11.21 -7.22 -10.68
N PRO A 411 11.50 -5.93 -10.63
CA PRO A 411 12.63 -5.42 -9.87
C PRO A 411 12.31 -5.41 -8.36
N GLY A 412 13.33 -5.39 -7.53
CA GLY A 412 13.15 -5.51 -6.12
C GLY A 412 12.28 -4.41 -5.56
N SER A 413 11.43 -4.78 -4.62
CA SER A 413 10.45 -3.88 -4.00
C SER A 413 11.05 -2.70 -3.20
N ASN A 414 12.32 -2.82 -2.82
CA ASN A 414 13.01 -1.68 -2.19
C ASN A 414 14.01 -0.96 -3.10
N THR A 415 13.87 -1.17 -4.39
CA THR A 415 14.72 -0.43 -5.33
C THR A 415 14.01 0.89 -5.68
N TRP A 416 12.78 1.06 -5.20
CA TRP A 416 12.02 2.28 -5.39
C TRP A 416 12.27 3.23 -4.25
N PHE A 417 12.88 4.38 -4.55
CA PHE A 417 13.09 5.44 -3.56
C PHE A 417 11.81 5.86 -2.88
N GLY A 418 10.68 5.82 -3.59
CA GLY A 418 9.43 6.32 -3.01
C GLY A 418 9.08 5.91 -1.59
N PHE A 419 9.38 4.64 -1.24
CA PHE A 419 9.09 4.16 0.11
C PHE A 419 9.84 4.90 1.21
N GLN A 420 11.06 5.36 0.90
CA GLN A 420 11.81 6.17 1.86
C GLN A 420 10.91 7.32 2.33
N ALA A 421 10.40 8.12 1.37
CA ALA A 421 9.54 9.27 1.68
C ALA A 421 8.22 8.91 2.33
N TRP A 422 7.41 8.12 1.64
CA TRP A 422 6.11 7.74 2.18
C TRP A 422 6.21 7.31 3.61
N SER A 423 7.17 6.41 3.89
CA SER A 423 7.23 5.79 5.21
C SER A 423 7.87 6.71 6.28
N MET A 424 8.96 7.39 5.92
CA MET A 424 9.60 8.27 6.90
C MET A 424 8.77 9.53 7.23
N GLN A 425 7.89 9.92 6.31
CA GLN A 425 6.91 10.97 6.55
C GLN A 425 6.07 10.64 7.78
N ARG A 426 5.71 9.37 7.93
CA ARG A 426 4.87 8.93 9.05
C ARG A 426 5.66 8.94 10.38
N VAL A 427 6.91 8.51 10.32
CA VAL A 427 7.80 8.57 11.47
C VAL A 427 8.02 10.03 11.90
N ALA A 428 8.25 10.88 10.91
CA ALA A 428 8.42 12.32 11.12
C ALA A 428 7.21 12.94 11.85
N GLU A 429 6.00 12.57 11.42
CA GLU A 429 4.77 12.99 12.11
C GLU A 429 4.79 12.52 13.56
N TYR A 430 5.09 11.23 13.76
CA TYR A 430 5.10 10.62 15.08
C TYR A 430 6.11 11.30 16.00
N TYR A 431 7.28 11.60 15.48
CA TYR A 431 8.25 12.32 16.26
C TYR A 431 7.75 13.72 16.60
N TYR A 432 7.13 14.39 15.63
CA TYR A 432 6.59 15.72 15.86
C TYR A 432 5.62 15.70 17.01
N VAL A 433 4.79 14.66 17.06
CA VAL A 433 3.77 14.54 18.09
C VAL A 433 4.30 14.15 19.47
N THR A 434 5.31 13.28 19.52
CA THR A 434 5.67 12.66 20.78
C THR A 434 7.04 13.03 21.31
N GLY A 435 7.91 13.50 20.43
CA GLY A 435 9.31 13.69 20.77
C GLY A 435 10.10 12.41 20.99
N ASP A 436 9.54 11.27 20.58
CA ASP A 436 10.20 9.96 20.76
C ASP A 436 11.68 10.06 20.34
N LYS A 437 12.58 9.82 21.29
CA LYS A 437 14.03 9.91 21.05
C LYS A 437 14.57 8.95 19.98
N ASP A 438 14.06 7.72 19.96
CA ASP A 438 14.48 6.75 18.94
C ASP A 438 14.09 7.23 17.54
N ALA A 439 12.87 7.78 17.41
CA ALA A 439 12.40 8.30 16.13
C ALA A 439 13.25 9.48 15.70
N GLY A 440 13.50 10.37 16.65
CA GLY A 440 14.37 11.53 16.43
C GLY A 440 15.72 11.13 15.91
N ALA A 441 16.36 10.17 16.59
CA ALA A 441 17.68 9.70 16.18
C ALA A 441 17.66 9.01 14.80
N LEU A 442 16.66 8.17 14.59
CA LEU A 442 16.42 7.52 13.29
C LEU A 442 16.26 8.58 12.20
N LEU A 443 15.40 9.56 12.45
CA LEU A 443 15.15 10.62 11.46
C LEU A 443 16.38 11.47 11.17
N GLU A 444 17.15 11.78 12.21
CA GLU A 444 18.32 12.63 12.07
C GLU A 444 19.31 12.01 11.09
N LYS A 445 19.59 10.72 11.28
CA LYS A 445 20.47 10.01 10.34
C LYS A 445 19.90 9.94 8.90
N TRP A 446 18.60 9.69 8.80
CA TRP A 446 17.94 9.59 7.51
C TRP A 446 17.90 10.93 6.79
N VAL A 447 17.50 11.98 7.50
CA VAL A 447 17.61 13.37 6.97
C VAL A 447 19.01 13.75 6.51
N SER A 448 20.01 13.42 7.31
CA SER A 448 21.39 13.59 6.88
C SER A 448 21.66 12.90 5.52
N TRP A 449 21.16 11.69 5.35
CA TRP A 449 21.30 11.00 4.07
C TRP A 449 20.51 11.66 2.98
N VAL A 450 19.28 12.06 3.26
CA VAL A 450 18.44 12.75 2.29
C VAL A 450 19.15 14.01 1.78
N LYS A 451 19.61 14.85 2.71
CA LYS A 451 20.32 16.07 2.36
C LYS A 451 21.50 15.78 1.43
N SER A 452 22.16 14.63 1.61
CA SER A 452 23.35 14.31 0.80
C SER A 452 23.05 13.73 -0.60
N VAL A 453 21.81 13.33 -0.85
CA VAL A 453 21.48 12.71 -2.14
C VAL A 453 20.50 13.51 -3.00
N VAL A 454 19.75 14.42 -2.39
CA VAL A 454 18.85 15.26 -3.18
C VAL A 454 19.68 16.29 -3.97
N LYS A 455 19.28 16.50 -5.23
CA LYS A 455 19.97 17.49 -6.08
C LYS A 455 19.14 18.73 -6.26
N LEU A 456 19.65 19.82 -5.69
CA LEU A 456 19.10 21.15 -5.94
C LEU A 456 20.06 21.78 -6.93
N ASN A 457 19.67 21.83 -8.21
CA ASN A 457 20.56 22.33 -9.26
C ASN A 457 20.63 23.85 -9.27
N SER A 458 21.77 24.37 -9.72
CA SER A 458 22.01 25.81 -9.77
C SER A 458 20.96 26.54 -10.62
N ASP A 459 20.46 25.89 -11.67
CA ASP A 459 19.53 26.51 -12.62
C ASP A 459 18.08 26.53 -12.14
N GLY A 460 17.86 26.10 -10.90
CA GLY A 460 16.53 26.14 -10.35
C GLY A 460 15.77 24.83 -10.46
N THR A 461 16.33 23.87 -11.18
CA THR A 461 15.69 22.54 -11.25
C THR A 461 16.16 21.66 -10.07
N PHE A 462 15.59 20.47 -9.99
CA PHE A 462 15.90 19.53 -8.93
C PHE A 462 15.78 18.10 -9.46
N ALA A 463 16.41 17.16 -8.76
CA ALA A 463 16.26 15.73 -9.05
C ALA A 463 16.29 14.99 -7.72
N ILE A 464 15.44 13.97 -7.58
CA ILE A 464 15.46 13.10 -6.41
C ILE A 464 15.85 11.66 -6.81
N PRO A 465 16.39 10.89 -5.85
CA PRO A 465 16.68 9.50 -6.20
C PRO A 465 15.45 8.80 -6.78
N SER A 466 15.66 7.95 -7.77
CA SER A 466 14.56 7.23 -8.37
C SER A 466 14.69 5.76 -7.98
N THR A 467 15.81 5.16 -8.35
CA THR A 467 16.16 3.76 -8.12
C THR A 467 17.28 3.66 -7.09
N LEU A 468 17.20 2.65 -6.20
CA LEU A 468 18.24 2.36 -5.22
C LEU A 468 18.77 0.95 -5.35
N ASP A 469 19.98 0.74 -4.89
CA ASP A 469 20.56 -0.59 -4.84
C ASP A 469 21.18 -0.78 -3.47
N TRP A 470 21.26 -2.04 -3.03
CA TRP A 470 21.64 -2.39 -1.68
C TRP A 470 22.66 -3.47 -1.64
N SER A 471 23.49 -3.48 -0.59
CA SER A 471 24.39 -4.61 -0.33
C SER A 471 24.60 -4.81 1.17
N GLY A 472 24.97 -6.03 1.55
CA GLY A 472 25.20 -6.40 2.94
C GLY A 472 23.89 -6.63 3.67
N GLN A 473 23.98 -6.68 4.99
CA GLN A 473 22.80 -6.78 5.82
C GLN A 473 23.01 -6.07 7.15
N PRO A 474 21.93 -5.79 7.89
CA PRO A 474 22.13 -5.23 9.21
C PRO A 474 22.73 -6.29 10.12
N ASP A 475 23.23 -5.87 11.29
CA ASP A 475 23.51 -6.76 12.41
C ASP A 475 22.17 -7.35 12.89
N THR A 476 22.20 -8.60 13.35
CA THR A 476 21.00 -9.18 13.96
C THR A 476 20.50 -8.25 15.10
N TRP A 477 19.19 -8.12 15.22
CA TRP A 477 18.62 -7.16 16.15
C TRP A 477 18.67 -7.68 17.54
N ASN A 478 19.13 -6.85 18.46
CA ASN A 478 19.01 -7.18 19.87
C ASN A 478 18.52 -6.01 20.75
N GLY A 479 17.82 -5.06 20.13
CA GLY A 479 17.26 -3.94 20.88
C GLY A 479 18.02 -2.64 20.73
N ALA A 480 19.23 -2.67 20.20
CA ALA A 480 20.02 -1.44 20.03
C ALA A 480 20.58 -1.30 18.63
N TYR A 481 20.57 -0.07 18.13
CA TYR A 481 21.13 0.26 16.81
C TYR A 481 22.63 0.19 16.87
N THR A 482 23.25 -0.56 15.96
CA THR A 482 24.70 -0.78 15.95
C THR A 482 25.43 0.14 14.97
N GLY A 483 24.66 0.89 14.18
CA GLY A 483 25.24 1.64 13.06
C GLY A 483 25.19 0.86 11.74
N ASN A 484 24.97 -0.45 11.80
CA ASN A 484 24.94 -1.31 10.60
C ASN A 484 26.00 -0.95 9.55
N SER A 485 27.28 -1.02 9.92
CA SER A 485 28.31 -0.49 9.04
C SER A 485 28.55 -1.31 7.75
N ASN A 486 28.00 -2.52 7.67
CA ASN A 486 28.09 -3.35 6.45
C ASN A 486 26.82 -3.38 5.59
N LEU A 487 25.83 -2.59 5.99
CA LEU A 487 24.60 -2.44 5.23
C LEU A 487 24.69 -1.11 4.45
N HIS A 488 24.67 -1.19 3.12
CA HIS A 488 24.89 -0.02 2.25
C HIS A 488 23.81 0.21 1.23
N VAL A 489 23.44 1.48 1.04
CA VAL A 489 22.55 1.93 -0.06
C VAL A 489 23.41 2.60 -1.14
N LYS A 490 22.92 2.59 -2.38
CA LYS A 490 23.52 3.32 -3.48
C LYS A 490 22.38 3.88 -4.30
N VAL A 491 22.50 5.15 -4.68
CA VAL A 491 21.54 5.76 -5.58
C VAL A 491 21.93 5.40 -7.01
N VAL A 492 21.05 4.69 -7.70
CA VAL A 492 21.33 4.18 -9.03
C VAL A 492 21.07 5.27 -10.08
N ASP A 493 19.96 5.99 -9.93
CA ASP A 493 19.63 7.08 -10.83
C ASP A 493 18.62 8.03 -10.22
N TYR A 494 18.28 9.07 -10.98
CA TYR A 494 17.55 10.22 -10.50
C TYR A 494 16.36 10.54 -11.38
N GLY A 495 15.36 11.17 -10.79
CA GLY A 495 14.16 11.54 -11.53
C GLY A 495 13.49 12.74 -10.93
N THR A 496 12.30 13.06 -11.44
CA THR A 496 11.49 14.16 -10.94
C THR A 496 10.11 13.64 -10.61
N ASP A 497 10.05 12.59 -9.81
CA ASP A 497 8.78 12.06 -9.38
C ASP A 497 8.19 13.07 -8.40
N LEU A 498 7.13 13.75 -8.82
CA LEU A 498 6.57 14.89 -8.08
C LEU A 498 5.82 14.46 -6.83
N GLY A 499 5.12 13.33 -6.90
CA GLY A 499 4.44 12.76 -5.73
C GLY A 499 5.45 12.48 -4.63
N ILE A 500 6.53 11.81 -5.00
CA ILE A 500 7.55 11.47 -4.03
C ILE A 500 8.33 12.71 -3.54
N THR A 501 8.63 13.64 -4.45
CA THR A 501 9.25 14.91 -4.05
C THR A 501 8.46 15.62 -2.94
N ALA A 502 7.15 15.70 -3.12
CA ALA A 502 6.26 16.37 -2.20
C ALA A 502 6.20 15.62 -0.87
N SER A 503 6.15 14.29 -0.94
CA SER A 503 6.15 13.43 0.25
C SER A 503 7.44 13.63 1.06
N LEU A 504 8.56 13.67 0.35
CA LEU A 504 9.86 13.93 0.94
C LEU A 504 9.93 15.31 1.61
N ALA A 505 9.36 16.33 0.94
CA ALA A 505 9.25 17.67 1.53
C ALA A 505 8.42 17.61 2.81
N ASN A 506 7.32 16.89 2.73
CA ASN A 506 6.39 16.71 3.85
C ASN A 506 7.07 16.09 5.07
N ALA A 507 7.85 15.03 4.84
CA ALA A 507 8.61 14.40 5.91
C ALA A 507 9.66 15.34 6.52
N LEU A 508 10.40 16.04 5.66
CA LEU A 508 11.42 17.00 6.11
C LEU A 508 10.84 18.11 6.98
N LEU A 509 9.63 18.56 6.65
CA LEU A 509 8.94 19.60 7.41
C LEU A 509 8.49 19.15 8.79
N TYR A 510 7.85 17.98 8.88
CA TYR A 510 7.54 17.41 10.18
C TYR A 510 8.76 17.17 11.07
N TYR A 511 9.85 16.67 10.47
CA TYR A 511 11.08 16.46 11.21
C TYR A 511 11.60 17.81 11.74
N SER A 512 11.69 18.79 10.86
CA SER A 512 12.13 20.14 11.22
C SER A 512 11.28 20.71 12.36
N ALA A 513 9.96 20.64 12.23
CA ALA A 513 9.08 21.15 13.28
C ALA A 513 9.35 20.46 14.63
N GLY A 514 9.62 19.17 14.55
CA GLY A 514 10.02 18.39 15.72
C GLY A 514 11.29 18.85 16.41
N THR A 515 12.36 19.01 15.65
CA THR A 515 13.63 19.48 16.22
C THR A 515 13.50 20.86 16.87
N LYS A 516 12.63 21.72 16.34
CA LYS A 516 12.36 23.01 16.99
C LYS A 516 11.70 22.76 18.34
N LYS A 517 10.68 21.90 18.34
CA LYS A 517 9.92 21.60 19.55
C LYS A 517 10.73 20.84 20.62
N TYR A 518 11.68 20.02 20.19
CA TYR A 518 12.35 19.10 21.10
C TYR A 518 13.87 19.18 21.16
N GLY A 519 14.49 19.80 20.17
CA GLY A 519 15.97 19.81 20.13
C GLY A 519 16.57 21.06 19.53
N VAL A 520 17.58 20.88 18.67
CA VAL A 520 18.18 22.00 17.93
C VAL A 520 17.54 22.13 16.54
N PHE A 521 16.72 23.17 16.37
CA PHE A 521 16.03 23.46 15.11
C PHE A 521 16.87 23.22 13.85
N ASP A 522 16.48 22.23 13.05
CA ASP A 522 17.20 21.94 11.82
C ASP A 522 16.59 22.79 10.70
N GLU A 523 17.08 24.02 10.57
CA GLU A 523 16.64 24.93 9.53
C GLU A 523 16.91 24.40 8.12
N GLY A 524 18.10 23.79 7.93
CA GLY A 524 18.50 23.20 6.66
C GLY A 524 17.47 22.25 6.07
N ALA A 525 16.86 21.43 6.91
CA ALA A 525 15.78 20.49 6.50
C ALA A 525 14.53 21.23 6.04
N LYS A 526 14.16 22.27 6.79
CA LYS A 526 13.01 23.09 6.45
C LYS A 526 13.22 23.71 5.09
N ASN A 527 14.41 24.27 4.89
CA ASN A 527 14.81 24.91 3.63
C ASN A 527 14.90 23.95 2.43
N LEU A 528 15.38 22.72 2.66
CA LEU A 528 15.42 21.73 1.60
C LEU A 528 14.01 21.46 1.08
N ALA A 529 13.07 21.29 2.01
CA ALA A 529 11.67 21.05 1.68
C ALA A 529 11.05 22.22 0.93
N LYS A 530 11.24 23.42 1.48
CA LYS A 530 10.66 24.63 0.91
C LYS A 530 11.15 24.82 -0.52
N GLU A 531 12.44 24.60 -0.75
CA GLU A 531 13.00 24.67 -2.09
C GLU A 531 12.25 23.67 -2.97
N LEU A 532 12.23 22.39 -2.59
CA LEU A 532 11.53 21.37 -3.40
C LEU A 532 10.13 21.83 -3.78
N LEU A 533 9.36 22.30 -2.81
CA LEU A 533 7.97 22.71 -3.04
C LEU A 533 7.83 23.91 -3.98
N ASP A 534 8.73 24.90 -3.83
CA ASP A 534 8.73 26.12 -4.67
C ASP A 534 9.23 25.86 -6.10
N ARG A 535 10.36 25.16 -6.23
CA ARG A 535 10.92 24.89 -7.55
C ARG A 535 9.93 24.06 -8.37
N MET A 536 9.20 23.18 -7.69
CA MET A 536 8.14 22.37 -8.29
C MET A 536 6.96 23.24 -8.73
N TRP A 537 6.55 24.14 -7.86
CA TRP A 537 5.42 25.02 -8.15
C TRP A 537 5.74 25.91 -9.32
N LYS A 538 7.01 26.32 -9.40
CA LYS A 538 7.50 27.21 -10.45
C LYS A 538 7.49 26.52 -11.82
N LEU A 539 7.77 25.23 -11.82
CA LEU A 539 8.11 24.54 -13.05
C LEU A 539 7.02 23.66 -13.65
N TYR A 540 6.17 23.08 -12.81
CA TYR A 540 5.37 21.93 -13.24
C TYR A 540 3.88 22.08 -13.27
N ARG A 541 3.39 23.29 -12.98
CA ARG A 541 1.96 23.49 -12.99
C ARG A 541 1.40 23.32 -14.39
N ASP A 542 0.20 22.77 -14.46
CA ASP A 542 -0.47 22.65 -15.74
C ASP A 542 -1.97 22.64 -15.55
N GLU A 543 -2.67 22.42 -16.64
CA GLU A 543 -4.10 22.58 -16.68
C GLU A 543 -4.79 21.77 -15.57
N LYS A 544 -4.34 20.54 -15.31
CA LYS A 544 -5.05 19.70 -14.36
C LYS A 544 -4.42 19.59 -12.97
N GLY A 545 -3.25 20.19 -12.80
CA GLY A 545 -2.56 20.17 -11.50
C GLY A 545 -1.10 20.42 -11.72
N LEU A 546 -0.28 19.42 -11.38
CA LEU A 546 1.13 19.45 -11.74
C LEU A 546 1.51 18.12 -12.34
N SER A 547 2.44 18.17 -13.28
CA SER A 547 2.98 16.96 -13.88
C SER A 547 4.38 17.22 -14.39
N ALA A 548 5.19 16.18 -14.40
CA ALA A 548 6.53 16.27 -14.94
C ALA A 548 6.67 15.17 -15.99
N PRO A 549 7.43 15.44 -17.06
CA PRO A 549 7.53 14.44 -18.12
C PRO A 549 8.26 13.18 -17.67
N GLU A 550 7.74 12.02 -18.08
CA GLU A 550 8.45 10.77 -17.81
C GLU A 550 8.42 9.90 -19.05
N LYS A 551 9.57 9.37 -19.40
CA LYS A 551 9.65 8.38 -20.45
C LYS A 551 9.36 7.03 -19.82
N ARG A 552 8.60 6.21 -20.55
CA ARG A 552 8.21 4.89 -20.07
C ARG A 552 8.60 3.82 -21.06
N ALA A 553 9.90 3.59 -21.17
CA ALA A 553 10.45 2.54 -22.05
C ALA A 553 9.96 1.15 -21.66
N ASP A 554 9.50 1.00 -20.42
CA ASP A 554 8.99 -0.28 -19.96
C ASP A 554 7.69 -0.66 -20.66
N TYR A 555 7.12 0.29 -21.39
CA TYR A 555 5.84 0.07 -22.07
C TYR A 555 5.98 -0.79 -23.31
N LYS A 556 7.20 -1.09 -23.71
CA LYS A 556 7.35 -2.16 -24.70
C LYS A 556 6.76 -3.48 -24.20
N ARG A 557 6.61 -3.61 -22.89
CA ARG A 557 6.06 -4.85 -22.31
C ARG A 557 4.57 -5.01 -22.61
N PHE A 558 3.88 -3.92 -22.95
CA PHE A 558 2.53 -4.03 -23.51
C PHE A 558 2.51 -5.10 -24.62
N PHE A 559 3.49 -5.00 -25.52
CA PHE A 559 3.57 -5.82 -26.73
C PHE A 559 4.42 -7.06 -26.55
N GLU A 560 5.40 -7.01 -25.65
CA GLU A 560 6.43 -8.07 -25.62
C GLU A 560 6.30 -9.06 -24.48
N GLN A 561 5.64 -8.66 -23.40
CA GLN A 561 5.59 -9.50 -22.21
C GLN A 561 4.62 -10.66 -22.37
N GLU A 562 5.17 -11.89 -22.42
CA GLU A 562 4.34 -13.08 -22.32
C GLU A 562 3.75 -13.23 -20.92
N VAL A 563 2.48 -13.56 -20.87
CA VAL A 563 1.78 -13.88 -19.64
C VAL A 563 1.75 -15.41 -19.51
N TYR A 564 2.28 -15.95 -18.42
CA TYR A 564 2.29 -17.40 -18.27
C TYR A 564 0.88 -17.93 -18.09
N ILE A 565 0.56 -18.97 -18.86
CA ILE A 565 -0.71 -19.68 -18.77
C ILE A 565 -0.37 -21.17 -18.97
N PRO A 566 -0.89 -22.06 -18.10
CA PRO A 566 -0.48 -23.48 -18.19
C PRO A 566 -0.90 -24.07 -19.54
N ALA A 567 -0.03 -24.88 -20.15
CA ALA A 567 -0.37 -25.62 -21.38
C ALA A 567 -1.75 -26.27 -21.22
N GLY A 568 -2.61 -26.14 -22.22
CA GLY A 568 -3.93 -26.77 -22.20
C GLY A 568 -5.00 -26.03 -21.42
N TRP A 569 -4.59 -25.02 -20.66
CA TRP A 569 -5.57 -24.20 -19.95
C TRP A 569 -6.08 -23.15 -20.90
N ILE A 570 -7.39 -23.11 -21.10
CA ILE A 570 -8.01 -22.09 -21.95
C ILE A 570 -9.18 -21.43 -21.25
N GLY A 571 -9.23 -20.10 -21.35
CA GLY A 571 -10.31 -19.32 -20.76
C GLY A 571 -10.56 -18.07 -21.56
N LYS A 572 -11.48 -17.25 -21.07
CA LYS A 572 -11.82 -15.99 -21.69
C LYS A 572 -12.03 -14.84 -20.68
N MET A 573 -11.55 -13.67 -21.06
CA MET A 573 -11.88 -12.42 -20.37
C MET A 573 -13.33 -12.08 -20.70
N PRO A 574 -13.99 -11.25 -19.88
CA PRO A 574 -15.36 -10.79 -20.15
C PRO A 574 -15.59 -10.19 -21.54
N ASN A 575 -14.62 -9.45 -22.06
CA ASN A 575 -14.75 -8.88 -23.40
C ASN A 575 -14.54 -9.88 -24.54
N GLY A 576 -14.18 -11.13 -24.21
CA GLY A 576 -14.02 -12.16 -25.23
C GLY A 576 -12.58 -12.51 -25.56
N ASP A 577 -11.61 -11.73 -25.05
CA ASP A 577 -10.19 -12.05 -25.26
C ASP A 577 -9.89 -13.48 -24.78
N VAL A 578 -9.19 -14.24 -25.61
CA VAL A 578 -8.89 -15.64 -25.30
C VAL A 578 -7.62 -15.68 -24.44
N ILE A 579 -7.70 -16.40 -23.34
CA ILE A 579 -6.59 -16.61 -22.44
C ILE A 579 -5.99 -17.99 -22.69
N LYS A 580 -4.76 -18.06 -23.21
CA LYS A 580 -4.09 -19.35 -23.42
C LYS A 580 -2.58 -19.17 -23.45
N SER A 581 -1.82 -20.28 -23.42
CA SER A 581 -0.37 -20.22 -23.49
C SER A 581 0.08 -19.32 -24.62
N GLY A 582 1.10 -18.52 -24.39
CA GLY A 582 1.59 -17.64 -25.42
C GLY A 582 1.05 -16.21 -25.40
N VAL A 583 -0.10 -15.97 -24.78
CA VAL A 583 -0.68 -14.59 -24.83
C VAL A 583 0.25 -13.50 -24.30
N LYS A 584 0.12 -12.30 -24.87
CA LYS A 584 0.87 -11.13 -24.41
C LYS A 584 -0.02 -10.28 -23.50
N PHE A 585 0.60 -9.35 -22.78
CA PHE A 585 -0.10 -8.44 -21.89
C PHE A 585 -1.34 -7.85 -22.59
N ILE A 586 -1.13 -7.33 -23.81
CA ILE A 586 -2.20 -6.66 -24.56
C ILE A 586 -3.28 -7.62 -25.09
N ASP A 587 -2.93 -8.90 -25.26
CA ASP A 587 -3.87 -9.86 -25.85
C ASP A 587 -5.03 -10.15 -24.92
N ILE A 588 -4.82 -9.99 -23.63
CA ILE A 588 -5.91 -10.25 -22.68
C ILE A 588 -6.51 -8.95 -22.19
N ARG A 589 -6.10 -7.86 -22.85
CA ARG A 589 -6.59 -6.52 -22.52
C ARG A 589 -6.86 -5.71 -23.80
N SER A 590 -7.51 -6.34 -24.78
CA SER A 590 -7.64 -5.72 -26.12
C SER A 590 -8.41 -4.39 -26.14
N LYS A 591 -9.19 -4.11 -25.11
CA LYS A 591 -9.82 -2.79 -25.00
C LYS A 591 -8.82 -1.64 -24.89
N TYR A 592 -7.59 -1.95 -24.48
CA TYR A 592 -6.54 -0.92 -24.47
C TYR A 592 -6.38 -0.26 -25.85
N LYS A 593 -6.69 -1.01 -26.90
CA LYS A 593 -6.59 -0.51 -28.28
C LYS A 593 -7.53 0.66 -28.59
N GLN A 594 -8.60 0.82 -27.80
CA GLN A 594 -9.50 1.98 -27.91
C GLN A 594 -9.05 3.20 -27.10
N ASP A 595 -7.93 3.09 -26.39
CA ASP A 595 -7.44 4.20 -25.56
C ASP A 595 -7.02 5.38 -26.43
N PRO A 596 -7.38 6.61 -26.01
CA PRO A 596 -6.95 7.83 -26.72
C PRO A 596 -5.45 7.88 -26.97
N ASP A 597 -4.66 7.32 -26.06
CA ASP A 597 -3.20 7.36 -26.19
C ASP A 597 -2.60 6.15 -26.87
N TRP A 598 -3.45 5.22 -27.30
CA TRP A 598 -2.98 4.03 -27.98
C TRP A 598 -2.20 4.30 -29.26
N PRO A 599 -2.70 5.20 -30.13
CA PRO A 599 -1.89 5.54 -31.31
C PRO A 599 -0.49 6.02 -30.92
N LYS A 600 -0.41 6.93 -29.96
CA LYS A 600 0.86 7.41 -29.42
C LYS A 600 1.78 6.28 -28.94
N LEU A 601 1.23 5.35 -28.16
CA LEU A 601 2.00 4.19 -27.70
C LEU A 601 2.53 3.39 -28.90
N GLU A 602 1.64 3.06 -29.83
CA GLU A 602 2.02 2.28 -31.01
C GLU A 602 3.09 2.95 -31.87
N ALA A 603 2.87 4.22 -32.19
CA ALA A 603 3.84 5.04 -32.92
C ALA A 603 5.20 5.01 -32.23
N ALA A 604 5.20 5.18 -30.91
CA ALA A 604 6.46 5.12 -30.16
C ALA A 604 7.08 3.74 -30.30
N TYR A 605 6.28 2.70 -30.06
CA TYR A 605 6.78 1.33 -30.09
C TYR A 605 7.32 0.89 -31.47
N LYS A 606 6.53 1.08 -32.52
CA LYS A 606 6.95 0.69 -33.88
C LYS A 606 8.17 1.47 -34.36
N SER A 607 8.39 2.64 -33.76
CA SER A 607 9.53 3.47 -34.09
C SER A 607 10.70 3.24 -33.14
N GLY A 608 10.56 2.23 -32.27
CA GLY A 608 11.58 1.94 -31.27
C GLY A 608 11.91 3.10 -30.35
N GLN A 609 10.88 3.83 -29.90
CA GLN A 609 11.11 4.97 -29.02
C GLN A 609 10.32 4.89 -27.73
N ALA A 610 10.89 5.46 -26.66
CA ALA A 610 10.23 5.45 -25.36
C ALA A 610 9.11 6.48 -25.35
N PRO A 611 7.84 6.02 -25.20
CA PRO A 611 6.74 6.98 -25.12
C PRO A 611 6.89 7.89 -23.89
N GLU A 612 6.34 9.09 -23.95
CA GLU A 612 6.54 10.06 -22.87
C GLU A 612 5.19 10.57 -22.39
N PHE A 613 5.04 10.68 -21.08
CA PHE A 613 3.76 11.02 -20.48
C PHE A 613 3.93 12.12 -19.46
N ARG A 614 2.89 12.92 -19.27
CA ARG A 614 2.83 13.83 -18.13
C ARG A 614 1.58 13.44 -17.36
N TYR A 615 1.75 12.55 -16.37
CA TYR A 615 0.62 11.99 -15.64
C TYR A 615 0.13 12.83 -14.48
N HIS A 616 -1.17 12.74 -14.23
CA HIS A 616 -1.76 13.20 -13.00
C HIS A 616 -2.29 12.04 -12.19
N ARG A 617 -1.39 11.40 -11.44
CA ARG A 617 -1.77 10.37 -10.47
C ARG A 617 -2.47 11.05 -9.29
N PHE A 618 -3.62 10.51 -8.88
CA PHE A 618 -4.40 11.10 -7.82
C PHE A 618 -3.61 11.22 -6.51
N TRP A 619 -2.86 10.18 -6.14
CA TRP A 619 -2.11 10.24 -4.87
C TRP A 619 -1.02 11.27 -4.93
N ALA A 620 -0.38 11.39 -6.09
CA ALA A 620 0.68 12.36 -6.28
C ALA A 620 0.17 13.78 -6.13
N GLN A 621 -0.94 14.09 -6.80
CA GLN A 621 -1.57 15.41 -6.67
C GLN A 621 -1.92 15.65 -5.19
N CYS A 622 -2.41 14.61 -4.51
CA CYS A 622 -2.71 14.72 -3.08
C CYS A 622 -1.48 15.05 -2.23
N ASP A 623 -0.40 14.31 -2.44
CA ASP A 623 0.87 14.58 -1.73
C ASP A 623 1.38 16.00 -1.99
N ILE A 624 1.19 16.48 -3.21
CA ILE A 624 1.62 17.83 -3.52
C ILE A 624 0.77 18.82 -2.73
N ALA A 625 -0.54 18.63 -2.79
CA ALA A 625 -1.45 19.53 -2.09
C ALA A 625 -1.17 19.49 -0.58
N ILE A 626 -1.16 18.28 -0.02
CA ILE A 626 -0.88 18.07 1.40
C ILE A 626 0.46 18.67 1.86
N ALA A 627 1.54 18.45 1.10
CA ALA A 627 2.87 18.98 1.45
C ALA A 627 2.93 20.51 1.54
N ASN A 628 2.26 21.18 0.61
CA ASN A 628 2.22 22.65 0.63
C ASN A 628 1.42 23.16 1.81
N ALA A 629 0.28 22.54 2.06
CA ALA A 629 -0.55 22.86 3.22
C ALA A 629 0.18 22.63 4.54
N THR A 630 0.99 21.57 4.58
CA THR A 630 1.80 21.24 5.75
C THR A 630 2.79 22.34 6.10
N TYR A 631 3.47 22.92 5.10
CA TYR A 631 4.35 24.07 5.34
C TYR A 631 3.59 25.21 6.01
N GLU A 632 2.38 25.49 5.52
CA GLU A 632 1.54 26.53 6.09
C GLU A 632 1.16 26.21 7.53
N ILE A 633 0.72 24.97 7.75
CA ILE A 633 0.30 24.48 9.07
C ILE A 633 1.40 24.54 10.14
N LEU A 634 2.65 24.28 9.73
CA LEU A 634 3.76 24.15 10.68
C LEU A 634 4.65 25.40 10.75
N PHE A 635 4.80 26.10 9.63
CA PHE A 635 5.66 27.27 9.58
C PHE A 635 4.90 28.51 9.08
N GLY A 636 3.59 28.55 9.31
CA GLY A 636 2.76 29.67 8.86
C GLY A 636 2.58 30.71 9.95
C2 BGC B . 9.87 9.26 -12.97
C3 BGC B . 9.33 8.30 -11.92
C4 BGC B . 9.01 6.92 -12.52
C5 BGC B . 10.08 6.46 -13.48
C6 BGC B . 9.53 5.41 -14.39
C1 BGC B . 10.99 8.67 -13.78
O1 BGC B . 11.27 9.58 -14.86
O2 BGC B . 10.32 10.47 -12.40
O3 BGC B . 8.18 8.92 -11.40
O4 BGC B . 8.91 5.89 -11.55
O5 BGC B . 10.58 7.45 -14.35
O6 BGC B . 10.63 4.67 -14.85
C2 BGC B . 7.76 4.05 -10.67
C3 BGC B . 6.36 3.54 -10.35
C4 BGC B . 5.64 4.52 -9.43
C5 BGC B . 5.79 5.96 -9.88
C6 BGC B . 5.89 6.75 -8.62
C1 BGC B . 7.62 5.37 -11.36
O2 BGC B . 8.45 3.16 -11.50
O3 BGC B . 6.49 2.32 -9.66
O4 BGC B . 4.26 4.24 -9.38
O5 BGC B . 6.98 6.29 -10.54
O6 BGC B . 4.78 7.53 -8.58
C2 BGC B . 2.18 4.05 -8.24
C3 BGC B . 1.47 3.60 -6.95
C4 BGC B . 2.21 2.44 -6.31
C5 BGC B . 3.70 2.73 -6.20
C6 BGC B . 4.45 1.59 -5.52
C1 BGC B . 3.70 4.14 -8.11
O2 BGC B . 1.68 5.28 -8.71
O3 BGC B . 0.13 3.25 -7.16
O4 BGC B . 1.76 2.25 -5.01
O5 BGC B . 4.27 3.01 -7.47
O6 BGC B . 4.24 0.34 -6.12
C1 EDO C . 6.26 -1.08 -14.47
O1 EDO C . 7.35 -1.48 -15.33
C2 EDO C . 6.74 -0.91 -13.03
O2 EDO C . 7.72 0.13 -13.01
C1 EDO D . -0.12 15.42 7.72
O1 EDO D . -1.09 14.52 8.27
C2 EDO D . -0.76 16.78 7.55
O2 EDO D . 0.29 17.72 7.38
C1 EDO E . -2.39 -9.38 24.16
O1 EDO E . -2.73 -7.98 24.09
C2 EDO E . -0.94 -9.61 23.74
O2 EDO E . -0.68 -9.26 22.36
C1 EDO F . -3.94 -18.58 -1.03
O1 EDO F . -4.70 -17.39 -0.75
C2 EDO F . -2.47 -18.18 -1.13
O2 EDO F . -2.37 -16.84 -1.63
C1 EDO G . -7.50 -21.30 0.68
O1 EDO G . -7.00 -20.33 -0.27
C2 EDO G . -6.79 -21.12 2.01
O2 EDO G . -5.65 -20.26 1.84
C1 EDO H . 22.24 -5.55 18.21
O1 EDO H . 21.12 -4.83 17.63
C2 EDO H . 22.66 -4.87 19.50
O2 EDO H . 21.46 -4.63 20.25
C1 EDO I . 23.51 -9.69 17.47
O1 EDO I . 23.90 -8.44 16.86
C2 EDO I . 23.94 -9.72 18.93
O2 EDO I . 23.14 -10.68 19.66
C1 EDO J . -25.68 -6.85 -7.86
O1 EDO J . -25.41 -8.24 -7.63
C2 EDO J . -24.68 -6.02 -7.06
O2 EDO J . -25.19 -4.70 -6.85
C1 EDO K . -10.15 -25.28 0.49
O1 EDO K . -11.08 -25.67 1.50
C2 EDO K . -9.22 -24.16 1.00
O2 EDO K . -9.89 -23.32 1.96
C1 EDO L . -3.02 -12.29 -1.40
O1 EDO L . -3.76 -11.85 -2.56
C2 EDO L . -1.80 -13.06 -1.89
O2 EDO L . -1.04 -12.22 -2.77
C1 BTB M . -0.76 -0.39 -3.93
O1 BTB M . -0.07 -0.02 -5.09
C2 BTB M . 0.18 -0.89 -2.83
C3 BTB M . -0.58 -1.16 -1.54
O3 BTB M . -1.05 0.06 -1.09
C4 BTB M . 1.19 0.21 -2.56
O4 BTB M . 2.03 -0.04 -1.51
N BTB M . 0.78 -2.14 -3.30
C5 BTB M . 2.22 -2.21 -3.28
C6 BTB M . 2.55 -1.66 -4.63
O6 BTB M . 3.87 -1.90 -4.84
C7 BTB M . 0.39 -2.45 -4.64
C8 BTB M . 0.26 -3.93 -4.75
O8 BTB M . 1.54 -4.35 -5.13
#